data_9CA3
#
_entry.id   9CA3
#
_cell.length_a   71.030
_cell.length_b   112.961
_cell.length_c   83.338
_cell.angle_alpha   90.000
_cell.angle_beta   111.250
_cell.angle_gamma   90.000
#
_symmetry.space_group_name_H-M   'P 1 21 1'
#
loop_
_entity.id
_entity.type
_entity.pdbx_description
1 polymer 'Tryptophan 2,3-dioxygenase'
2 non-polymer 'PROTOPORPHYRIN IX CONTAINING FE'
3 non-polymer 'CYANIDE ION'
4 non-polymer (betaS)-beta-methyl-L-tryptophan
5 water water
#
_entity_poly.entity_id   1
_entity_poly.type   'polypeptide(L)'
_entity_poly.pdbx_seq_one_letter_code
;GHMKRSLNPDEPNALLSYDFDRGSNYENVLHLTDALGALVPESETEHPDQRFFQVTHLITEYAWVQVHYELRRAIGHLDE
DRYHQAVRMFDRATGLSEVTVQAVRLLTDHLPQHSLLMMRNALPEDATGLDSPGYRNLRRVARPVWKAYEQAVERAGLSL
QDVIAQQDDGYDGPRSGGSQSLALVREAMLRLDGSVLGWKQHHLIMVWSQLGGQPGLRKGNEEGDDGLELPQSLGGRSLA
TLEARSQLALFPELWRAAEDAYWLLGTRHDTDAPVRGGGNGSPVQH
;
_entity_poly.pdbx_strand_id   A,B,C,D
#
# COMPACT_ATOMS: atom_id res chain seq x y z
N MET A 3 38.46 -5.45 -1.66
CA MET A 3 37.87 -5.70 -2.97
C MET A 3 36.57 -6.49 -2.91
N LYS A 4 35.76 -6.31 -3.95
CA LYS A 4 34.42 -6.84 -4.04
C LYS A 4 34.45 -8.31 -4.47
N ARG A 5 33.36 -9.02 -4.13
CA ARG A 5 33.05 -10.34 -4.64
C ARG A 5 31.81 -10.22 -5.50
N SER A 6 31.61 -11.19 -6.38
CA SER A 6 30.45 -11.18 -7.25
C SER A 6 29.48 -12.27 -6.83
N LEU A 7 28.20 -11.92 -6.72
CA LEU A 7 27.18 -12.92 -6.50
C LEU A 7 26.96 -13.77 -7.74
N ASN A 8 27.32 -13.26 -8.91
CA ASN A 8 27.15 -13.97 -10.18
C ASN A 8 28.49 -13.91 -10.92
N PRO A 9 29.48 -14.64 -10.42
CA PRO A 9 30.85 -14.42 -10.89
C PRO A 9 31.14 -15.03 -12.24
N ASP A 10 30.22 -15.82 -12.80
CA ASP A 10 30.38 -16.36 -14.14
C ASP A 10 29.59 -15.58 -15.19
N GLU A 11 29.04 -14.43 -14.82
CA GLU A 11 28.45 -13.53 -15.80
C GLU A 11 29.56 -12.72 -16.45
N PRO A 12 29.71 -12.76 -17.78
CA PRO A 12 30.83 -12.08 -18.43
C PRO A 12 30.78 -10.57 -18.28
N ASN A 13 29.63 -9.97 -18.58
CA ASN A 13 29.50 -8.52 -18.59
C ASN A 13 29.57 -7.98 -17.18
N ALA A 14 30.63 -7.22 -16.90
CA ALA A 14 30.87 -6.70 -15.55
C ALA A 14 29.73 -5.80 -15.08
N LEU A 15 29.11 -5.07 -15.99
CA LEU A 15 28.03 -4.17 -15.61
C LEU A 15 26.80 -4.93 -15.12
N LEU A 16 26.69 -6.21 -15.44
CA LEU A 16 25.63 -7.09 -14.97
C LEU A 16 26.02 -7.83 -13.70
N SER A 17 27.22 -7.57 -13.19
CA SER A 17 27.70 -8.24 -11.98
C SER A 17 27.06 -7.61 -10.76
N TYR A 18 26.57 -8.45 -9.85
CA TYR A 18 26.09 -7.96 -8.56
C TYR A 18 27.25 -8.01 -7.57
N ASP A 19 27.94 -6.88 -7.42
CA ASP A 19 29.09 -6.80 -6.52
C ASP A 19 28.66 -6.53 -5.08
N PHE A 20 29.29 -7.23 -4.14
CA PHE A 20 28.96 -7.10 -2.72
C PHE A 20 30.17 -7.55 -1.91
N ASP A 21 29.96 -7.72 -0.60
CA ASP A 21 30.99 -8.16 0.33
C ASP A 21 32.23 -7.29 0.20
N ARG A 22 32.03 -5.99 0.36
CA ARG A 22 33.13 -5.04 0.23
C ARG A 22 33.66 -4.60 1.58
N GLY A 23 33.16 -5.19 2.67
CA GLY A 23 33.68 -4.89 3.99
C GLY A 23 33.38 -3.52 4.52
N SER A 24 32.41 -2.82 3.93
CA SER A 24 32.06 -1.49 4.43
C SER A 24 31.40 -1.61 5.78
N ASN A 25 31.42 -0.50 6.52
CA ASN A 25 30.77 -0.49 7.83
C ASN A 25 29.26 -0.67 7.73
N TYR A 26 28.65 -0.12 6.68
CA TYR A 26 27.23 -0.38 6.44
C TYR A 26 26.97 -1.88 6.38
N GLU A 27 27.76 -2.60 5.56
CA GLU A 27 27.62 -4.04 5.45
C GLU A 27 27.96 -4.75 6.76
N ASN A 28 28.99 -4.27 7.47
CA ASN A 28 29.40 -4.92 8.72
C ASN A 28 28.31 -4.81 9.77
N VAL A 29 27.81 -3.60 10.00
CA VAL A 29 26.80 -3.39 11.02
C VAL A 29 25.57 -4.27 10.78
N LEU A 30 25.21 -4.50 9.50
CA LEU A 30 23.99 -5.23 9.17
C LEU A 30 24.17 -6.74 9.03
N HIS A 31 25.40 -7.26 9.12
CA HIS A 31 25.64 -8.65 8.77
C HIS A 31 25.04 -8.95 7.39
N LEU A 32 25.20 -8.00 6.47
CA LEU A 32 24.49 -8.11 5.20
C LEU A 32 25.08 -9.20 4.32
N THR A 33 26.39 -9.42 4.42
CA THR A 33 27.04 -10.41 3.57
C THR A 33 26.58 -11.80 3.97
N ASP A 34 26.46 -12.02 5.28
CA ASP A 34 25.94 -13.28 5.79
C ASP A 34 24.52 -13.53 5.30
N ALA A 35 23.66 -12.51 5.38
CA ALA A 35 22.28 -12.65 4.92
C ALA A 35 22.22 -12.94 3.42
N LEU A 36 23.00 -12.24 2.60
CA LEU A 36 23.02 -12.50 1.17
C LEU A 36 23.53 -13.90 0.85
N GLY A 37 24.34 -14.48 1.75
CA GLY A 37 24.81 -15.85 1.63
C GLY A 37 23.73 -16.91 1.75
N ALA A 38 22.53 -16.55 2.21
CA ALA A 38 21.44 -17.52 2.21
C ALA A 38 20.85 -17.78 0.82
N LEU A 39 21.05 -16.87 -0.13
CA LEU A 39 20.44 -17.03 -1.44
C LEU A 39 21.03 -18.25 -2.13
N VAL A 40 20.16 -19.04 -2.75
CA VAL A 40 20.65 -20.21 -3.49
C VAL A 40 21.63 -19.76 -4.56
N PRO A 41 22.82 -20.35 -4.64
CA PRO A 41 23.78 -19.94 -5.67
C PRO A 41 23.21 -20.03 -7.08
N GLU A 42 23.61 -19.07 -7.91
CA GLU A 42 23.13 -19.03 -9.28
C GLU A 42 23.49 -20.31 -10.02
N SER A 43 24.66 -20.88 -9.72
CA SER A 43 25.08 -22.12 -10.35
C SER A 43 24.13 -23.26 -10.05
N GLU A 44 23.35 -23.17 -8.96
CA GLU A 44 22.52 -24.28 -8.51
C GLU A 44 21.02 -24.08 -8.73
N THR A 45 20.59 -22.97 -9.33
CA THR A 45 19.15 -22.77 -9.52
C THR A 45 18.65 -23.68 -10.64
N GLU A 46 17.44 -24.20 -10.46
CA GLU A 46 16.83 -25.12 -11.41
C GLU A 46 15.72 -24.48 -12.23
N HIS A 47 15.41 -23.19 -11.98
CA HIS A 47 14.36 -22.46 -12.68
C HIS A 47 14.61 -20.98 -12.51
N PRO A 48 14.39 -20.15 -13.53
CA PRO A 48 14.69 -18.72 -13.36
C PRO A 48 13.75 -18.01 -12.38
N ASP A 49 12.63 -18.60 -12.00
CA ASP A 49 11.75 -18.00 -11.01
C ASP A 49 12.03 -18.50 -9.60
N GLN A 50 13.02 -19.37 -9.42
CA GLN A 50 13.29 -19.92 -8.09
C GLN A 50 13.78 -18.85 -7.12
N ARG A 51 14.64 -17.94 -7.55
CA ARG A 51 15.11 -16.87 -6.66
C ARG A 51 13.95 -16.04 -6.15
N PHE A 52 13.09 -15.57 -7.06
CA PHE A 52 11.90 -14.84 -6.67
C PHE A 52 11.10 -15.60 -5.61
N PHE A 53 10.84 -16.88 -5.85
CA PHE A 53 10.20 -17.74 -4.86
C PHE A 53 10.88 -17.60 -3.51
N GLN A 54 12.20 -17.82 -3.48
CA GLN A 54 12.92 -17.84 -2.21
C GLN A 54 12.87 -16.50 -1.51
N VAL A 55 13.06 -15.43 -2.26
CA VAL A 55 13.23 -14.11 -1.66
C VAL A 55 11.92 -13.64 -1.02
N THR A 56 10.77 -13.96 -1.62
CA THR A 56 9.52 -13.57 -0.99
C THR A 56 9.34 -14.26 0.36
N HIS A 57 9.84 -15.49 0.50
CA HIS A 57 9.75 -16.20 1.77
C HIS A 57 10.70 -15.60 2.79
N LEU A 58 11.93 -15.33 2.37
CA LEU A 58 12.90 -14.83 3.33
C LEU A 58 12.47 -13.46 3.87
N ILE A 59 11.93 -12.62 2.98
CA ILE A 59 11.39 -11.33 3.41
C ILE A 59 10.28 -11.53 4.44
N THR A 60 9.37 -12.46 4.14
CA THR A 60 8.29 -12.77 5.06
C THR A 60 8.81 -13.23 6.41
N GLU A 61 9.80 -14.12 6.41
CA GLU A 61 10.26 -14.68 7.69
C GLU A 61 11.03 -13.64 8.51
N TYR A 62 11.73 -12.72 7.86
CA TYR A 62 12.38 -11.66 8.60
C TYR A 62 11.34 -10.76 9.27
N ALA A 63 10.27 -10.43 8.53
CA ALA A 63 9.21 -9.62 9.12
C ALA A 63 8.57 -10.32 10.30
N TRP A 64 8.33 -11.64 10.18
CA TRP A 64 7.64 -12.36 11.25
C TRP A 64 8.53 -12.57 12.48
N VAL A 65 9.84 -12.78 12.26
CA VAL A 65 10.68 -12.86 13.46
C VAL A 65 10.74 -11.50 14.15
N GLN A 66 10.57 -10.41 13.39
CA GLN A 66 10.55 -9.09 14.01
C GLN A 66 9.21 -8.83 14.67
N VAL A 67 8.13 -9.36 14.10
CA VAL A 67 6.84 -9.33 14.79
C VAL A 67 6.98 -9.99 16.16
N HIS A 68 7.65 -11.14 16.20
CA HIS A 68 7.80 -11.90 17.46
C HIS A 68 8.59 -11.09 18.48
N TYR A 69 9.70 -10.50 18.04
CA TYR A 69 10.53 -9.71 18.93
C TYR A 69 9.73 -8.57 19.54
N GLU A 70 8.93 -7.88 18.72
CA GLU A 70 8.18 -6.75 19.24
C GLU A 70 7.03 -7.21 20.13
N LEU A 71 6.49 -8.41 19.89
CA LEU A 71 5.40 -8.89 20.73
C LEU A 71 5.91 -9.26 22.12
N ARG A 72 7.11 -9.84 22.19
CA ARG A 72 7.74 -10.09 23.49
C ARG A 72 7.90 -8.79 24.26
N ARG A 73 8.32 -7.74 23.55
CA ARG A 73 8.43 -6.43 24.19
C ARG A 73 7.06 -5.96 24.67
N ALA A 74 6.01 -6.22 23.89
CA ALA A 74 4.67 -5.80 24.29
C ALA A 74 4.23 -6.52 25.57
N ILE A 75 4.59 -7.79 25.71
CA ILE A 75 4.30 -8.50 26.96
C ILE A 75 5.01 -7.83 28.13
N GLY A 76 6.32 -7.57 27.96
CA GLY A 76 7.08 -6.89 29.01
C GLY A 76 6.42 -5.60 29.45
N HIS A 77 5.96 -4.80 28.49
CA HIS A 77 5.34 -3.52 28.82
C HIS A 77 4.03 -3.73 29.57
N LEU A 78 3.16 -4.57 29.01
CA LEU A 78 1.83 -4.78 29.59
C LEU A 78 1.94 -5.32 31.02
N ASP A 79 2.92 -6.19 31.28
CA ASP A 79 3.10 -6.76 32.61
C ASP A 79 3.47 -5.68 33.63
N GLU A 80 4.10 -4.59 33.19
CA GLU A 80 4.46 -3.50 34.08
C GLU A 80 3.54 -2.32 33.93
N ASP A 81 2.39 -2.49 33.29
CA ASP A 81 1.38 -1.46 33.11
C ASP A 81 1.88 -0.27 32.30
N ARG A 82 2.84 -0.50 31.40
CA ARG A 82 3.33 0.54 30.49
C ARG A 82 2.52 0.46 29.19
N TYR A 83 1.30 1.02 29.24
CA TYR A 83 0.35 0.84 28.15
C TYR A 83 0.77 1.60 26.91
N HIS A 84 1.13 2.88 27.06
CA HIS A 84 1.59 3.66 25.92
C HIS A 84 2.70 2.93 25.18
N GLN A 85 3.69 2.46 25.90
CA GLN A 85 4.80 1.80 25.24
C GLN A 85 4.37 0.50 24.57
N ALA A 86 3.40 -0.19 25.16
CA ALA A 86 2.85 -1.38 24.53
C ALA A 86 2.13 -1.04 23.21
N VAL A 87 1.43 0.09 23.15
CA VAL A 87 0.74 0.47 21.92
C VAL A 87 1.71 0.45 20.73
N ARG A 88 2.88 1.08 20.92
CA ARG A 88 3.84 1.24 19.84
C ARG A 88 4.31 -0.11 19.32
N MET A 89 4.51 -1.07 20.21
CA MET A 89 4.95 -2.40 19.79
C MET A 89 3.89 -3.08 18.93
N PHE A 90 2.62 -2.99 19.33
CA PHE A 90 1.57 -3.58 18.51
C PHE A 90 1.48 -2.90 17.15
N ASP A 91 1.57 -1.56 17.09
CA ASP A 91 1.50 -0.88 15.78
C ASP A 91 2.68 -1.24 14.89
N ARG A 92 3.85 -1.44 15.49
CA ARG A 92 5.01 -1.82 14.70
C ARG A 92 4.83 -3.22 14.15
N ALA A 93 4.33 -4.14 14.97
CA ALA A 93 4.01 -5.47 14.49
C ALA A 93 3.01 -5.45 13.34
N THR A 94 1.98 -4.59 13.41
CA THR A 94 1.03 -4.52 12.31
C THR A 94 1.72 -4.09 11.02
N GLY A 95 2.59 -3.08 11.09
CA GLY A 95 3.34 -2.66 9.91
C GLY A 95 4.22 -3.75 9.34
N LEU A 96 4.87 -4.54 10.21
CA LEU A 96 5.64 -5.68 9.70
C LEU A 96 4.73 -6.73 9.07
N SER A 97 3.57 -7.00 9.69
CA SER A 97 2.63 -7.93 9.11
C SER A 97 2.21 -7.49 7.71
N GLU A 98 2.00 -6.18 7.52
CA GLU A 98 1.60 -5.70 6.20
C GLU A 98 2.68 -5.95 5.15
N VAL A 99 3.95 -6.00 5.57
CA VAL A 99 5.01 -6.41 4.64
C VAL A 99 4.82 -7.85 4.22
N THR A 100 4.50 -8.75 5.15
CA THR A 100 4.26 -10.14 4.76
C THR A 100 3.10 -10.24 3.76
N VAL A 101 2.09 -9.39 3.91
CA VAL A 101 0.96 -9.41 2.97
C VAL A 101 1.45 -9.04 1.58
N GLN A 102 2.26 -7.99 1.47
CA GLN A 102 2.73 -7.63 0.15
C GLN A 102 3.72 -8.63 -0.41
N ALA A 103 4.44 -9.34 0.45
CA ALA A 103 5.36 -10.37 -0.04
C ALA A 103 4.58 -11.52 -0.70
N VAL A 104 3.53 -12.02 -0.05
CA VAL A 104 2.83 -13.13 -0.68
C VAL A 104 1.99 -12.64 -1.87
N ARG A 105 1.49 -11.41 -1.83
CA ARG A 105 0.80 -10.86 -2.98
C ARG A 105 1.75 -10.66 -4.16
N LEU A 106 3.05 -10.54 -3.91
CA LEU A 106 4.02 -10.56 -5.01
C LEU A 106 3.93 -11.88 -5.79
N LEU A 107 3.72 -12.99 -5.08
CA LEU A 107 3.57 -14.27 -5.78
C LEU A 107 2.25 -14.34 -6.54
N THR A 108 1.16 -13.91 -5.90
CA THR A 108 -0.12 -13.88 -6.57
C THR A 108 -0.03 -13.08 -7.87
N ASP A 109 0.63 -11.93 -7.84
CA ASP A 109 0.60 -11.03 -8.98
C ASP A 109 1.61 -11.42 -10.05
N HIS A 110 2.72 -12.10 -9.69
CA HIS A 110 3.82 -12.25 -10.63
C HIS A 110 4.37 -13.66 -10.78
N LEU A 111 4.13 -14.56 -9.85
CA LEU A 111 4.68 -15.91 -10.00
C LEU A 111 3.83 -16.68 -11.00
N PRO A 112 4.39 -17.14 -12.13
CA PRO A 112 3.58 -17.92 -13.07
C PRO A 112 3.20 -19.27 -12.48
N GLN A 113 1.90 -19.57 -12.48
CA GLN A 113 1.45 -20.88 -12.03
C GLN A 113 2.24 -21.98 -12.71
N HIS A 114 2.49 -21.85 -14.01
CA HIS A 114 3.23 -22.89 -14.71
C HIS A 114 4.65 -23.04 -14.15
N SER A 115 5.31 -21.93 -13.80
CA SER A 115 6.61 -22.03 -13.14
C SER A 115 6.48 -22.73 -11.80
N LEU A 116 5.45 -22.36 -11.03
CA LEU A 116 5.28 -22.92 -9.70
C LEU A 116 5.09 -24.43 -9.78
N LEU A 117 4.26 -24.89 -10.71
CA LEU A 117 4.02 -26.32 -10.82
C LEU A 117 5.28 -27.06 -11.26
N MET A 118 6.10 -26.46 -12.12
CA MET A 118 7.31 -27.17 -12.51
C MET A 118 8.29 -27.26 -11.36
N MET A 119 8.42 -26.17 -10.58
CA MET A 119 9.31 -26.21 -9.43
C MET A 119 8.79 -27.18 -8.38
N ARG A 120 7.47 -27.17 -8.18
CA ARG A 120 6.84 -27.99 -7.15
C ARG A 120 7.01 -29.47 -7.42
N ASN A 121 7.04 -29.86 -8.70
CA ASN A 121 7.19 -31.27 -9.05
C ASN A 121 8.52 -31.85 -8.55
N ALA A 122 9.53 -31.00 -8.39
CA ALA A 122 10.84 -31.43 -7.89
C ALA A 122 11.07 -31.11 -6.41
N LEU A 123 10.16 -30.40 -5.75
CA LEU A 123 10.38 -30.05 -4.36
C LEU A 123 10.26 -31.31 -3.49
N PRO A 124 10.83 -31.28 -2.28
CA PRO A 124 10.69 -32.44 -1.39
C PRO A 124 9.25 -32.65 -0.94
N GLU A 125 9.00 -33.84 -0.41
CA GLU A 125 7.70 -34.13 0.19
C GLU A 125 7.60 -33.49 1.57
N ASP A 126 6.37 -33.16 1.95
CA ASP A 126 6.08 -32.41 3.19
C ASP A 126 7.01 -31.22 3.32
N ALA A 127 7.12 -30.45 2.23
CA ALA A 127 7.78 -29.16 2.22
C ALA A 127 6.67 -28.12 2.36
N THR A 128 6.46 -27.66 3.59
CA THR A 128 5.25 -26.94 3.98
C THR A 128 5.59 -25.81 4.93
N GLY A 129 4.82 -24.72 4.85
CA GLY A 129 4.93 -23.61 5.79
C GLY A 129 4.37 -23.88 7.18
N LEU A 130 3.74 -25.03 7.39
CA LEU A 130 3.48 -25.47 8.76
C LEU A 130 4.77 -25.59 9.56
N ASP A 131 5.91 -25.69 8.89
CA ASP A 131 7.20 -25.68 9.55
C ASP A 131 7.86 -24.31 9.54
N SER A 132 7.11 -23.26 9.21
CA SER A 132 7.70 -21.92 9.23
C SER A 132 7.99 -21.53 10.67
N PRO A 133 9.22 -21.11 10.99
CA PRO A 133 9.46 -20.59 12.35
C PRO A 133 8.66 -19.34 12.63
N GLY A 134 8.53 -18.45 11.63
CA GLY A 134 7.73 -17.26 11.84
C GLY A 134 6.31 -17.59 12.20
N TYR A 135 5.70 -18.51 11.45
CA TYR A 135 4.31 -18.84 11.70
C TYR A 135 4.13 -19.55 13.03
N ARG A 136 4.89 -20.61 13.28
CA ARG A 136 4.74 -21.38 14.52
C ARG A 136 5.02 -20.54 15.75
N ASN A 137 6.05 -19.69 15.70
CA ASN A 137 6.37 -18.93 16.90
C ASN A 137 5.39 -17.80 17.12
N LEU A 138 4.83 -17.25 16.03
CA LEU A 138 3.77 -16.28 16.19
C LEU A 138 2.56 -16.92 16.86
N ARG A 139 2.15 -18.10 16.38
CA ARG A 139 1.04 -18.81 16.98
C ARG A 139 1.34 -19.15 18.44
N ARG A 140 2.60 -19.52 18.73
CA ARG A 140 2.99 -19.83 20.09
C ARG A 140 2.87 -18.62 21.02
N VAL A 141 3.40 -17.46 20.58
CA VAL A 141 3.47 -16.29 21.45
C VAL A 141 2.11 -15.59 21.60
N ALA A 142 1.15 -15.86 20.72
CA ALA A 142 -0.12 -15.16 20.76
C ALA A 142 -0.89 -15.43 22.06
N ARG A 143 -0.73 -16.62 22.63
CA ARG A 143 -1.38 -16.89 23.91
C ARG A 143 -0.76 -16.07 25.05
N PRO A 144 0.55 -16.10 25.29
CA PRO A 144 1.09 -15.19 26.34
C PRO A 144 0.75 -13.73 26.09
N VAL A 145 0.57 -13.33 24.83
CA VAL A 145 0.25 -11.95 24.55
C VAL A 145 -1.16 -11.63 24.99
N TRP A 146 -2.13 -12.47 24.60
CA TRP A 146 -3.48 -12.21 25.07
C TRP A 146 -3.53 -12.21 26.58
N LYS A 147 -2.80 -13.15 27.20
CA LYS A 147 -2.79 -13.26 28.66
C LYS A 147 -2.27 -11.98 29.31
N ALA A 148 -1.19 -11.40 28.78
CA ALA A 148 -0.67 -10.16 29.36
C ALA A 148 -1.68 -9.03 29.24
N TYR A 149 -2.39 -8.94 28.10
CA TYR A 149 -3.38 -7.86 27.96
C TYR A 149 -4.56 -8.07 28.92
N GLU A 150 -5.09 -9.29 28.95
CA GLU A 150 -6.20 -9.61 29.85
C GLU A 150 -5.88 -9.25 31.29
N GLN A 151 -4.70 -9.66 31.78
CA GLN A 151 -4.38 -9.38 33.18
C GLN A 151 -4.15 -7.89 33.43
N ALA A 152 -3.67 -7.15 32.44
CA ALA A 152 -3.56 -5.70 32.64
C ALA A 152 -4.94 -5.07 32.76
N VAL A 153 -5.89 -5.54 31.95
CA VAL A 153 -7.26 -5.05 32.06
C VAL A 153 -7.84 -5.40 33.42
N GLU A 154 -7.49 -6.58 33.92
CA GLU A 154 -8.05 -7.04 35.19
C GLU A 154 -7.50 -6.24 36.35
N ARG A 155 -6.18 -6.05 36.39
CA ARG A 155 -5.57 -5.18 37.39
C ARG A 155 -6.18 -3.79 37.36
N ALA A 156 -6.59 -3.30 36.20
CA ALA A 156 -7.24 -2.00 36.14
C ALA A 156 -8.69 -2.04 36.60
N GLY A 157 -9.26 -3.22 36.84
CA GLY A 157 -10.65 -3.30 37.27
C GLY A 157 -11.65 -2.84 36.24
N LEU A 158 -11.31 -2.96 34.96
CA LEU A 158 -12.15 -2.51 33.85
C LEU A 158 -12.84 -3.70 33.21
N SER A 159 -13.97 -3.44 32.56
CA SER A 159 -14.56 -4.45 31.68
C SER A 159 -14.14 -4.18 30.25
N LEU A 160 -13.88 -5.26 29.50
CA LEU A 160 -13.56 -5.17 28.07
C LEU A 160 -14.64 -4.41 27.30
N GLN A 161 -15.91 -4.65 27.63
CA GLN A 161 -16.99 -3.89 27.00
C GLN A 161 -16.82 -2.39 27.22
N ASP A 162 -16.42 -1.98 28.42
CA ASP A 162 -16.18 -0.55 28.67
C ASP A 162 -15.00 -0.03 27.84
N VAL A 163 -13.94 -0.83 27.75
CA VAL A 163 -12.76 -0.47 26.96
C VAL A 163 -13.11 -0.31 25.49
N ILE A 164 -13.96 -1.20 24.95
CA ILE A 164 -14.42 -1.05 23.58
C ILE A 164 -15.25 0.22 23.44
N ALA A 165 -16.19 0.43 24.36
CA ALA A 165 -17.14 1.53 24.25
C ALA A 165 -16.43 2.89 24.19
N GLN A 166 -15.36 3.09 24.97
CA GLN A 166 -14.82 4.45 25.02
C GLN A 166 -13.94 4.81 23.84
N GLN A 167 -13.79 3.92 22.86
CA GLN A 167 -13.23 4.35 21.59
C GLN A 167 -14.13 5.37 20.89
N ASP A 168 -15.44 5.32 21.15
CA ASP A 168 -16.43 6.20 20.57
C ASP A 168 -16.43 7.55 21.32
N ASP A 169 -16.13 8.66 20.62
CA ASP A 169 -16.17 9.97 21.26
C ASP A 169 -17.53 10.28 21.86
N GLY A 170 -18.61 9.73 21.30
CA GLY A 170 -19.95 9.99 21.82
C GLY A 170 -20.31 9.20 23.05
N TYR A 171 -19.45 8.25 23.44
CA TYR A 171 -19.71 7.45 24.63
C TYR A 171 -19.51 8.29 25.88
N ASP A 172 -20.46 8.19 26.82
CA ASP A 172 -20.56 9.09 27.96
C ASP A 172 -20.08 8.50 29.27
N GLY A 173 -19.71 7.24 29.31
CA GLY A 173 -19.36 6.60 30.56
C GLY A 173 -18.06 7.08 31.15
N PRO A 174 -17.62 6.43 32.23
CA PRO A 174 -16.40 6.86 32.91
C PRO A 174 -15.17 6.58 32.07
N ARG A 175 -14.24 7.53 32.08
CA ARG A 175 -12.96 7.44 31.40
C ARG A 175 -11.84 7.78 32.36
N SER A 176 -10.71 7.11 32.18
CA SER A 176 -9.48 7.48 32.88
C SER A 176 -8.33 7.38 31.89
N GLY A 177 -7.19 7.95 32.27
CA GLY A 177 -6.00 7.77 31.46
C GLY A 177 -5.69 6.30 31.28
N GLY A 178 -5.80 5.54 32.36
CA GLY A 178 -5.55 4.10 32.29
C GLY A 178 -6.48 3.39 31.33
N SER A 179 -7.78 3.71 31.37
CA SER A 179 -8.72 2.97 30.54
C SER A 179 -8.58 3.36 29.06
N GLN A 180 -8.39 4.65 28.78
CA GLN A 180 -8.22 5.05 27.39
C GLN A 180 -6.92 4.52 26.83
N SER A 181 -5.88 4.41 27.68
CA SER A 181 -4.65 3.77 27.24
C SER A 181 -4.89 2.31 26.89
N LEU A 182 -5.58 1.58 27.75
CA LEU A 182 -5.87 0.18 27.47
C LEU A 182 -6.77 0.02 26.25
N ALA A 183 -7.60 1.02 25.97
CA ALA A 183 -8.40 1.00 24.74
C ALA A 183 -7.50 1.14 23.50
N LEU A 184 -6.57 2.11 23.51
CA LEU A 184 -5.63 2.20 22.40
C LEU A 184 -4.85 0.90 22.22
N VAL A 185 -4.54 0.19 23.32
CA VAL A 185 -3.86 -1.10 23.17
C VAL A 185 -4.79 -2.09 22.50
N ARG A 186 -6.03 -2.14 22.97
CA ARG A 186 -7.04 -3.01 22.37
C ARG A 186 -7.13 -2.79 20.87
N GLU A 187 -7.34 -1.52 20.49
CA GLU A 187 -7.49 -1.15 19.09
C GLU A 187 -6.27 -1.56 18.26
N ALA A 188 -5.08 -1.39 18.83
CA ALA A 188 -3.87 -1.75 18.11
C ALA A 188 -3.76 -3.25 17.96
N MET A 189 -4.20 -3.98 18.98
CA MET A 189 -4.19 -5.43 18.96
C MET A 189 -5.15 -5.98 17.91
N LEU A 190 -6.32 -5.38 17.77
CA LEU A 190 -7.29 -5.84 16.77
C LEU A 190 -6.76 -5.59 15.36
N ARG A 191 -6.12 -4.42 15.15
CA ARG A 191 -5.52 -4.12 13.85
C ARG A 191 -4.47 -5.17 13.49
N LEU A 192 -3.62 -5.54 14.46
CA LEU A 192 -2.62 -6.55 14.19
C LEU A 192 -3.27 -7.87 13.75
N ASP A 193 -4.24 -8.34 14.53
CA ASP A 193 -4.90 -9.60 14.23
C ASP A 193 -5.62 -9.54 12.88
N GLY A 194 -6.33 -8.43 12.63
CA GLY A 194 -6.96 -8.25 11.33
C GLY A 194 -5.96 -8.32 10.19
N SER A 195 -4.78 -7.70 10.38
CA SER A 195 -3.75 -7.78 9.35
C SER A 195 -3.29 -9.22 9.16
N VAL A 196 -3.15 -9.99 10.24
CA VAL A 196 -2.72 -11.37 10.12
C VAL A 196 -3.78 -12.22 9.42
N LEU A 197 -5.06 -11.98 9.73
CA LEU A 197 -6.16 -12.64 9.02
C LEU A 197 -6.15 -12.25 7.56
N GLY A 198 -5.74 -11.01 7.26
CA GLY A 198 -5.51 -10.63 5.88
C GLY A 198 -4.42 -11.45 5.22
N TRP A 199 -3.29 -11.63 5.92
CA TRP A 199 -2.26 -12.51 5.37
C TRP A 199 -2.83 -13.88 5.03
N LYS A 200 -3.57 -14.48 5.97
CA LYS A 200 -4.06 -15.84 5.75
C LYS A 200 -4.96 -15.91 4.52
N GLN A 201 -5.81 -14.92 4.33
CA GLN A 201 -6.70 -14.91 3.18
C GLN A 201 -5.94 -14.65 1.88
N HIS A 202 -5.00 -13.69 1.87
CA HIS A 202 -4.26 -13.44 0.63
C HIS A 202 -3.41 -14.65 0.26
N HIS A 203 -2.85 -15.33 1.27
CA HIS A 203 -2.13 -16.58 1.02
C HIS A 203 -3.06 -17.63 0.44
N LEU A 204 -4.31 -17.68 0.92
CA LEU A 204 -5.28 -18.63 0.39
C LEU A 204 -5.64 -18.30 -1.05
N ILE A 205 -5.86 -17.01 -1.34
CA ILE A 205 -6.20 -16.60 -2.68
C ILE A 205 -5.08 -16.97 -3.65
N MET A 206 -3.83 -16.69 -3.25
CA MET A 206 -2.67 -17.22 -3.97
C MET A 206 -2.79 -18.72 -4.26
N VAL A 207 -2.99 -19.53 -3.21
CA VAL A 207 -3.07 -20.98 -3.40
C VAL A 207 -4.13 -21.33 -4.43
N TRP A 208 -5.28 -20.64 -4.40
CA TRP A 208 -6.34 -20.91 -5.36
C TRP A 208 -5.87 -20.70 -6.80
N SER A 209 -5.04 -19.68 -7.02
CA SER A 209 -4.52 -19.34 -8.34
C SER A 209 -3.34 -20.20 -8.76
N GLN A 210 -2.76 -20.97 -7.85
CA GLN A 210 -1.57 -21.76 -8.14
C GLN A 210 -1.81 -23.25 -8.08
N LEU A 211 -2.58 -23.73 -7.10
CA LEU A 211 -2.93 -25.14 -6.99
C LEU A 211 -4.37 -25.44 -7.35
N GLY A 212 -5.22 -24.42 -7.43
CA GLY A 212 -6.63 -24.62 -7.73
C GLY A 212 -7.50 -24.61 -6.49
N GLY A 213 -8.70 -25.15 -6.65
CA GLY A 213 -9.60 -25.33 -5.52
C GLY A 213 -10.34 -24.09 -5.08
N GLN A 214 -10.47 -23.08 -5.94
CA GLN A 214 -11.28 -21.94 -5.57
C GLN A 214 -12.68 -22.43 -5.22
N PRO A 215 -13.25 -22.01 -4.09
CA PRO A 215 -14.50 -22.65 -3.64
C PRO A 215 -15.68 -22.38 -4.54
N GLY A 216 -15.72 -21.24 -5.23
CA GLY A 216 -16.85 -20.93 -6.09
C GLY A 216 -17.18 -22.04 -7.07
N LEU A 217 -16.17 -22.82 -7.45
CA LEU A 217 -16.30 -24.01 -8.29
C LEU A 217 -16.99 -25.17 -7.58
N ARG A 218 -17.38 -25.02 -6.32
CA ARG A 218 -17.78 -26.12 -5.42
C ARG A 218 -16.93 -27.36 -5.62
N GLU A 229 -13.09 -34.01 -5.52
CA GLU A 229 -11.82 -34.03 -4.80
C GLU A 229 -11.01 -32.76 -5.08
N LEU A 230 -10.23 -32.30 -4.05
CA LEU A 230 -9.41 -31.10 -3.99
C LEU A 230 -7.94 -31.43 -4.25
N PRO A 231 -7.19 -30.46 -4.77
CA PRO A 231 -5.73 -30.57 -4.79
C PRO A 231 -5.17 -30.80 -3.38
N GLN A 232 -3.88 -31.16 -3.34
CA GLN A 232 -3.22 -31.50 -2.10
C GLN A 232 -1.90 -30.78 -1.98
N SER A 233 -1.55 -30.44 -0.73
CA SER A 233 -0.25 -29.89 -0.41
C SER A 233 0.86 -30.89 -0.71
N LEU A 234 2.10 -30.43 -0.57
CA LEU A 234 3.30 -31.27 -0.70
C LEU A 234 3.44 -32.28 0.48
N GLY A 235 2.44 -32.32 1.35
CA GLY A 235 2.38 -33.26 2.46
C GLY A 235 1.16 -34.15 2.35
N GLY A 236 0.45 -34.03 1.21
CA GLY A 236 -0.69 -34.88 0.91
C GLY A 236 -2.03 -34.41 1.45
N ARG A 237 -2.10 -33.24 2.07
CA ARG A 237 -3.31 -32.78 2.74
C ARG A 237 -4.17 -31.93 1.82
N SER A 238 -5.48 -32.06 1.96
CA SER A 238 -6.40 -31.31 1.12
C SER A 238 -6.33 -29.82 1.44
N LEU A 239 -6.62 -29.01 0.42
CA LEU A 239 -6.66 -27.56 0.57
C LEU A 239 -7.77 -27.11 1.50
N ALA A 240 -8.74 -27.98 1.82
CA ALA A 240 -9.79 -27.59 2.76
C ALA A 240 -9.25 -27.44 4.18
N THR A 241 -8.20 -28.18 4.53
CA THR A 241 -7.60 -27.97 5.84
C THR A 241 -6.95 -26.61 5.91
N LEU A 242 -6.29 -26.19 4.83
CA LEU A 242 -5.73 -24.84 4.77
C LEU A 242 -6.82 -23.80 4.96
N GLU A 243 -7.93 -23.97 4.25
CA GLU A 243 -9.02 -23.00 4.32
C GLU A 243 -9.58 -22.89 5.72
N ALA A 244 -9.58 -23.99 6.48
CA ALA A 244 -10.14 -23.98 7.82
C ALA A 244 -9.20 -23.27 8.79
N ARG A 245 -7.90 -23.55 8.71
CA ARG A 245 -6.94 -22.85 9.55
C ARG A 245 -6.83 -21.38 9.19
N SER A 246 -7.35 -20.97 8.04
CA SER A 246 -7.20 -19.61 7.56
C SER A 246 -8.01 -18.61 8.37
N GLN A 247 -9.00 -19.05 9.11
CA GLN A 247 -9.85 -18.11 9.81
C GLN A 247 -9.59 -18.10 11.32
N LEU A 248 -8.58 -18.84 11.79
CA LEU A 248 -8.17 -18.84 13.18
C LEU A 248 -7.45 -17.53 13.51
N ALA A 249 -7.93 -16.82 14.52
CA ALA A 249 -7.36 -15.54 14.92
C ALA A 249 -6.24 -15.73 15.93
N LEU A 250 -5.43 -14.69 16.09
CA LEU A 250 -4.44 -14.67 17.16
C LEU A 250 -5.10 -14.46 18.51
N PHE A 251 -6.10 -13.58 18.56
CA PHE A 251 -6.73 -13.13 19.79
C PHE A 251 -8.23 -13.40 19.72
N PRO A 252 -8.64 -14.67 19.81
CA PRO A 252 -10.09 -15.00 19.71
C PRO A 252 -10.97 -14.15 20.61
N GLU A 253 -10.50 -13.88 21.82
CA GLU A 253 -11.28 -13.16 22.83
C GLU A 253 -11.70 -11.77 22.37
N LEU A 254 -10.88 -11.09 21.56
CA LEU A 254 -11.28 -9.78 21.06
C LEU A 254 -12.45 -9.90 20.09
N TRP A 255 -12.44 -10.94 19.25
CA TRP A 255 -13.53 -11.15 18.31
C TRP A 255 -14.79 -11.64 19.03
N ARG A 256 -14.63 -12.39 20.12
CA ARG A 256 -15.79 -12.72 20.95
C ARG A 256 -16.36 -11.47 21.61
N ALA A 257 -15.50 -10.57 22.09
CA ALA A 257 -15.99 -9.35 22.73
C ALA A 257 -16.72 -8.46 21.75
N ALA A 258 -16.25 -8.41 20.48
CA ALA A 258 -17.01 -7.69 19.46
C ALA A 258 -18.39 -8.32 19.27
N GLU A 259 -18.45 -9.63 19.20
CA GLU A 259 -19.75 -10.28 19.11
C GLU A 259 -20.61 -9.97 20.33
N ASP A 260 -20.02 -10.01 21.54
CA ASP A 260 -20.79 -9.69 22.75
C ASP A 260 -21.33 -8.26 22.70
N ALA A 261 -20.57 -7.34 22.10
CA ALA A 261 -21.03 -5.94 22.05
C ALA A 261 -22.22 -5.77 21.13
N TYR A 262 -22.22 -6.45 19.99
CA TYR A 262 -23.40 -6.43 19.12
C TYR A 262 -24.64 -6.91 19.87
N TRP A 263 -24.50 -7.98 20.64
CA TRP A 263 -25.68 -8.54 21.30
C TRP A 263 -26.14 -7.66 22.45
N LEU A 264 -25.20 -7.06 23.21
CA LEU A 264 -25.60 -6.22 24.33
C LEU A 264 -26.12 -4.88 23.88
N LEU A 265 -25.58 -4.35 22.79
CA LEU A 265 -25.87 -2.98 22.39
C LEU A 265 -26.77 -2.88 21.18
N GLY A 266 -26.82 -3.92 20.34
CA GLY A 266 -27.74 -3.92 19.23
C GLY A 266 -29.17 -3.90 19.73
N THR A 267 -29.99 -3.01 19.20
CA THR A 267 -31.38 -2.98 19.60
C THR A 267 -32.17 -3.98 18.79
N LYS B 4 14.72 -27.43 17.21
CA LYS B 4 16.00 -27.96 17.68
C LYS B 4 16.89 -26.84 18.23
N ARG B 5 16.63 -25.60 17.80
CA ARG B 5 17.43 -24.45 18.19
C ARG B 5 16.51 -23.28 18.50
N SER B 6 17.03 -22.29 19.23
CA SER B 6 16.22 -21.13 19.62
C SER B 6 17.05 -19.86 19.56
N LEU B 7 16.54 -18.83 18.89
CA LEU B 7 17.17 -17.50 18.84
C LEU B 7 17.20 -16.82 20.19
N ASN B 8 16.66 -17.46 21.20
CA ASN B 8 16.17 -16.74 22.35
C ASN B 8 16.43 -17.59 23.60
N PRO B 9 17.67 -18.08 23.80
CA PRO B 9 17.87 -19.20 24.73
C PRO B 9 17.63 -18.82 26.18
N ASP B 10 18.03 -17.63 26.60
CA ASP B 10 17.90 -17.26 28.01
C ASP B 10 16.47 -16.87 28.40
N GLU B 11 15.55 -16.82 27.46
CA GLU B 11 14.16 -16.56 27.81
C GLU B 11 13.67 -17.67 28.73
N PRO B 12 13.34 -17.37 30.00
CA PRO B 12 12.80 -18.41 30.88
C PRO B 12 11.48 -18.97 30.38
N ASN B 13 10.50 -18.10 30.15
CA ASN B 13 9.22 -18.51 29.60
C ASN B 13 9.40 -19.19 28.26
N ALA B 14 9.04 -20.48 28.19
CA ALA B 14 9.29 -21.25 26.97
C ALA B 14 8.28 -20.94 25.87
N LEU B 15 7.12 -20.39 26.23
CA LEU B 15 6.19 -19.94 25.21
C LEU B 15 6.70 -18.71 24.46
N LEU B 16 7.70 -18.01 25.02
CA LEU B 16 8.29 -16.84 24.39
C LEU B 16 9.59 -17.14 23.65
N SER B 17 9.96 -18.42 23.53
CA SER B 17 11.16 -18.77 22.78
C SER B 17 10.86 -18.76 21.29
N TYR B 18 11.78 -18.20 20.51
CA TYR B 18 11.73 -18.26 19.05
C TYR B 18 12.47 -19.52 18.63
N ASP B 19 11.73 -20.60 18.49
CA ASP B 19 12.28 -21.89 18.11
C ASP B 19 12.46 -21.97 16.60
N PHE B 20 13.65 -22.38 16.17
CA PHE B 20 13.93 -22.49 14.74
C PHE B 20 15.02 -23.54 14.52
N ASP B 21 15.36 -23.73 13.25
CA ASP B 21 16.38 -24.69 12.83
C ASP B 21 15.96 -26.12 13.18
N ARG B 22 14.73 -26.47 12.81
CA ARG B 22 14.22 -27.80 13.03
C ARG B 22 14.57 -28.76 11.89
N GLY B 23 15.34 -28.31 10.92
CA GLY B 23 15.73 -29.15 9.80
C GLY B 23 14.57 -29.57 8.91
N SER B 24 13.48 -28.82 8.89
CA SER B 24 12.37 -29.20 8.04
C SER B 24 12.72 -28.95 6.58
N ASN B 25 11.98 -29.61 5.69
CA ASN B 25 12.24 -29.41 4.27
C ASN B 25 11.90 -28.01 3.82
N TYR B 26 10.84 -27.42 4.39
CA TYR B 26 10.58 -26.01 4.16
C TYR B 26 11.77 -25.17 4.55
N GLU B 27 12.34 -25.44 5.74
CA GLU B 27 13.53 -24.70 6.16
C GLU B 27 14.69 -24.97 5.21
N ASN B 28 14.87 -26.22 4.79
CA ASN B 28 16.02 -26.57 3.95
C ASN B 28 15.94 -25.87 2.60
N VAL B 29 14.76 -25.89 1.98
CA VAL B 29 14.60 -25.31 0.64
C VAL B 29 15.02 -23.85 0.65
N LEU B 30 14.67 -23.11 1.70
CA LEU B 30 14.85 -21.66 1.72
C LEU B 30 16.21 -21.20 2.26
N HIS B 31 17.07 -22.10 2.71
CA HIS B 31 18.28 -21.71 3.44
C HIS B 31 17.91 -20.73 4.56
N LEU B 32 16.82 -21.03 5.25
CA LEU B 32 16.25 -20.09 6.21
C LEU B 32 17.12 -19.94 7.45
N THR B 33 17.61 -21.06 7.99
CA THR B 33 18.49 -20.99 9.15
C THR B 33 19.70 -20.10 8.85
N ASP B 34 20.23 -20.17 7.64
CA ASP B 34 21.33 -19.29 7.26
C ASP B 34 20.91 -17.82 7.33
N ALA B 35 19.74 -17.50 6.78
CA ALA B 35 19.30 -16.10 6.76
C ALA B 35 18.97 -15.60 8.17
N LEU B 36 18.33 -16.43 8.99
CA LEU B 36 18.08 -16.03 10.38
C LEU B 36 19.36 -15.87 11.17
N GLY B 37 20.42 -16.57 10.78
CA GLY B 37 21.71 -16.43 11.46
C GLY B 37 22.39 -15.09 11.25
N ALA B 38 21.88 -14.26 10.34
CA ALA B 38 22.46 -12.95 10.13
C ALA B 38 21.96 -11.91 11.13
N LEU B 39 20.85 -12.19 11.83
CA LEU B 39 20.35 -11.25 12.84
C LEU B 39 21.37 -11.04 13.96
N VAL B 40 21.49 -9.80 14.43
CA VAL B 40 22.40 -9.55 15.55
C VAL B 40 21.96 -10.41 16.73
N PRO B 41 22.85 -11.15 17.36
CA PRO B 41 22.43 -11.99 18.49
C PRO B 41 21.87 -11.16 19.63
N GLU B 42 20.82 -11.68 20.25
CA GLU B 42 20.17 -10.96 21.35
C GLU B 42 21.16 -10.59 22.44
N SER B 43 22.13 -11.48 22.69
CA SER B 43 23.11 -11.18 23.71
C SER B 43 24.06 -10.06 23.30
N GLU B 44 23.97 -9.54 22.07
CA GLU B 44 24.85 -8.45 21.68
C GLU B 44 24.13 -7.14 21.38
N THR B 45 22.80 -7.10 21.41
CA THR B 45 22.10 -5.88 21.04
C THR B 45 22.39 -4.78 22.06
N GLU B 46 22.61 -3.56 21.56
CA GLU B 46 22.89 -2.43 22.42
C GLU B 46 21.68 -1.55 22.68
N HIS B 47 20.57 -1.77 21.96
CA HIS B 47 19.35 -1.00 22.10
C HIS B 47 18.18 -1.91 21.70
N PRO B 48 17.04 -1.85 22.40
CA PRO B 48 15.91 -2.73 22.01
C PRO B 48 15.36 -2.42 20.62
N ASP B 49 15.67 -1.26 20.07
CA ASP B 49 15.23 -0.91 18.72
C ASP B 49 16.23 -1.31 17.65
N GLN B 50 17.36 -1.92 18.05
CA GLN B 50 18.39 -2.30 17.11
C GLN B 50 17.90 -3.34 16.12
N ARG B 51 17.17 -4.36 16.59
CA ARG B 51 16.70 -5.41 15.69
C ARG B 51 15.76 -4.85 14.62
N PHE B 52 14.86 -3.95 14.99
CA PHE B 52 13.96 -3.37 14.01
C PHE B 52 14.76 -2.62 12.94
N PHE B 53 15.73 -1.82 13.37
CA PHE B 53 16.65 -1.17 12.47
C PHE B 53 17.26 -2.16 11.47
N GLN B 54 17.87 -3.23 11.97
CA GLN B 54 18.55 -4.15 11.07
C GLN B 54 17.57 -4.86 10.12
N VAL B 55 16.41 -5.29 10.62
CA VAL B 55 15.52 -6.10 9.80
C VAL B 55 14.99 -5.30 8.62
N THR B 56 14.62 -4.02 8.83
CA THR B 56 14.12 -3.23 7.70
C THR B 56 15.18 -3.09 6.59
N HIS B 57 16.48 -3.01 6.93
CA HIS B 57 17.51 -2.94 5.88
C HIS B 57 17.66 -4.28 5.17
N LEU B 58 17.65 -5.38 5.93
CA LEU B 58 17.83 -6.69 5.32
C LEU B 58 16.68 -7.00 4.38
N ILE B 59 15.46 -6.64 4.78
CA ILE B 59 14.30 -6.75 3.88
C ILE B 59 14.53 -5.92 2.62
N THR B 60 15.08 -4.70 2.78
CA THR B 60 15.30 -3.86 1.60
C THR B 60 16.34 -4.47 0.66
N GLU B 61 17.46 -4.95 1.23
CA GLU B 61 18.53 -5.52 0.42
C GLU B 61 18.11 -6.81 -0.28
N TYR B 62 17.26 -7.62 0.36
CA TYR B 62 16.69 -8.76 -0.34
C TYR B 62 15.81 -8.32 -1.49
N ALA B 63 14.98 -7.30 -1.26
CA ALA B 63 14.17 -6.83 -2.37
C ALA B 63 15.05 -6.32 -3.52
N TRP B 64 16.13 -5.59 -3.22
CA TRP B 64 16.91 -5.00 -4.31
C TRP B 64 17.77 -6.04 -5.05
N VAL B 65 18.29 -7.06 -4.36
CA VAL B 65 19.02 -8.10 -5.09
C VAL B 65 18.08 -8.85 -6.04
N GLN B 66 16.81 -9.01 -5.66
CA GLN B 66 15.87 -9.62 -6.56
C GLN B 66 15.53 -8.68 -7.72
N VAL B 67 15.40 -7.37 -7.45
CA VAL B 67 15.20 -6.42 -8.54
C VAL B 67 16.30 -6.57 -9.59
N HIS B 68 17.56 -6.59 -9.14
CA HIS B 68 18.71 -6.74 -10.02
C HIS B 68 18.62 -8.04 -10.82
N TYR B 69 18.24 -9.12 -10.16
CA TYR B 69 18.10 -10.41 -10.83
C TYR B 69 17.06 -10.35 -11.95
N GLU B 70 15.89 -9.73 -11.69
CA GLU B 70 14.89 -9.66 -12.75
C GLU B 70 15.26 -8.64 -13.81
N LEU B 71 15.97 -7.56 -13.47
CA LEU B 71 16.40 -6.63 -14.51
C LEU B 71 17.40 -7.28 -15.46
N ARG B 72 18.27 -8.16 -14.93
CA ARG B 72 19.16 -8.93 -15.79
C ARG B 72 18.36 -9.74 -16.78
N ARG B 73 17.35 -10.47 -16.28
CA ARG B 73 16.46 -11.22 -17.14
C ARG B 73 15.78 -10.31 -18.16
N ALA B 74 15.40 -9.09 -17.76
CA ALA B 74 14.74 -8.23 -18.75
C ALA B 74 15.70 -7.80 -19.87
N ILE B 75 16.98 -7.59 -19.55
CA ILE B 75 17.97 -7.30 -20.60
C ILE B 75 18.03 -8.46 -21.60
N GLY B 76 18.04 -9.69 -21.09
CA GLY B 76 18.08 -10.84 -21.97
C GLY B 76 16.87 -10.92 -22.87
N HIS B 77 15.69 -10.61 -22.32
CA HIS B 77 14.46 -10.62 -23.12
C HIS B 77 14.51 -9.55 -24.21
N LEU B 78 14.87 -8.33 -23.85
CA LEU B 78 14.87 -7.23 -24.80
C LEU B 78 15.86 -7.50 -25.94
N ASP B 79 17.04 -8.00 -25.59
CA ASP B 79 18.06 -8.31 -26.60
C ASP B 79 17.60 -9.37 -27.60
N GLU B 80 16.65 -10.22 -27.23
CA GLU B 80 16.05 -11.18 -28.15
C GLU B 80 14.68 -10.76 -28.66
N ASP B 81 14.29 -9.50 -28.47
CA ASP B 81 12.98 -8.98 -28.90
C ASP B 81 11.80 -9.73 -28.27
N ARG B 82 12.00 -10.32 -27.09
CA ARG B 82 10.89 -10.96 -26.37
C ARG B 82 10.24 -9.90 -25.48
N TYR B 83 9.44 -9.03 -26.11
CA TYR B 83 8.90 -7.86 -25.42
C TYR B 83 7.97 -8.26 -24.29
N HIS B 84 7.03 -9.16 -24.58
CA HIS B 84 6.06 -9.59 -23.60
C HIS B 84 6.75 -10.12 -22.35
N GLN B 85 7.80 -10.92 -22.55
CA GLN B 85 8.47 -11.47 -21.39
C GLN B 85 9.24 -10.40 -20.63
N ALA B 86 9.75 -9.38 -21.33
CA ALA B 86 10.41 -8.27 -20.68
C ALA B 86 9.44 -7.48 -19.77
N VAL B 87 8.18 -7.32 -20.20
CA VAL B 87 7.21 -6.56 -19.40
C VAL B 87 7.08 -7.16 -18.00
N ARG B 88 6.95 -8.49 -17.93
CA ARG B 88 6.74 -9.17 -16.64
C ARG B 88 7.91 -8.95 -15.68
N MET B 89 9.13 -8.95 -16.19
CA MET B 89 10.28 -8.67 -15.34
C MET B 89 10.24 -7.28 -14.74
N PHE B 90 9.82 -6.28 -15.54
CA PHE B 90 9.76 -4.92 -15.03
C PHE B 90 8.62 -4.76 -14.04
N ASP B 91 7.50 -5.43 -14.28
CA ASP B 91 6.39 -5.31 -13.33
C ASP B 91 6.76 -5.95 -12.00
N ARG B 92 7.43 -7.10 -12.06
CA ARG B 92 7.87 -7.75 -10.84
C ARG B 92 8.84 -6.86 -10.08
N ALA B 93 9.81 -6.28 -10.81
CA ALA B 93 10.73 -5.35 -10.18
C ALA B 93 10.00 -4.20 -9.50
N THR B 94 8.98 -3.62 -10.16
CA THR B 94 8.25 -2.54 -9.50
C THR B 94 7.64 -3.00 -8.18
N GLY B 95 7.05 -4.20 -8.17
CA GLY B 95 6.49 -4.73 -6.93
C GLY B 95 7.52 -4.88 -5.84
N LEU B 96 8.67 -5.46 -6.16
CA LEU B 96 9.73 -5.59 -5.17
C LEU B 96 10.21 -4.23 -4.69
N SER B 97 10.30 -3.26 -5.61
CA SER B 97 10.64 -1.89 -5.21
C SER B 97 9.63 -1.36 -4.20
N GLU B 98 8.34 -1.62 -4.44
CA GLU B 98 7.34 -1.13 -3.52
C GLU B 98 7.49 -1.76 -2.14
N VAL B 99 8.10 -2.95 -2.04
CA VAL B 99 8.42 -3.45 -0.71
C VAL B 99 9.48 -2.57 -0.04
N THR B 100 10.52 -2.17 -0.78
CA THR B 100 11.51 -1.30 -0.14
C THR B 100 10.87 0.00 0.35
N VAL B 101 9.88 0.52 -0.37
CA VAL B 101 9.22 1.75 0.08
C VAL B 101 8.51 1.50 1.40
N GLN B 102 7.79 0.38 1.47
CA GLN B 102 7.10 0.01 2.69
C GLN B 102 8.10 -0.15 3.83
N ALA B 103 9.28 -0.70 3.55
CA ALA B 103 10.24 -1.03 4.60
C ALA B 103 10.86 0.22 5.22
N VAL B 104 11.19 1.23 4.41
CA VAL B 104 11.75 2.44 4.97
C VAL B 104 10.68 3.26 5.67
N ARG B 105 9.43 3.19 5.18
CA ARG B 105 8.33 3.89 5.82
C ARG B 105 7.99 3.27 7.18
N LEU B 106 8.38 2.01 7.39
CA LEU B 106 8.32 1.42 8.74
C LEU B 106 9.19 2.21 9.71
N LEU B 107 10.41 2.58 9.27
CA LEU B 107 11.28 3.41 10.10
C LEU B 107 10.64 4.77 10.36
N THR B 108 10.21 5.45 9.30
CA THR B 108 9.53 6.74 9.46
C THR B 108 8.41 6.67 10.47
N ASP B 109 7.56 5.64 10.35
CA ASP B 109 6.37 5.57 11.17
C ASP B 109 6.65 5.08 12.58
N HIS B 110 7.69 4.26 12.79
CA HIS B 110 7.87 3.59 14.08
C HIS B 110 9.27 3.66 14.70
N LEU B 111 10.30 4.07 13.98
CA LEU B 111 11.63 4.17 14.61
C LEU B 111 11.68 5.45 15.44
N PRO B 112 11.93 5.37 16.75
CA PRO B 112 11.96 6.61 17.52
C PRO B 112 13.25 7.35 17.21
N GLN B 113 13.13 8.64 16.89
CA GLN B 113 14.34 9.41 16.60
C GLN B 113 15.30 9.35 17.79
N HIS B 114 14.78 9.39 19.01
CA HIS B 114 15.71 9.37 20.14
C HIS B 114 16.48 8.06 20.21
N SER B 115 15.83 6.92 19.90
CA SER B 115 16.59 5.66 19.82
C SER B 115 17.60 5.69 18.68
N LEU B 116 17.21 6.26 17.55
CA LEU B 116 18.14 6.34 16.44
C LEU B 116 19.38 7.15 16.82
N LEU B 117 19.18 8.32 17.44
CA LEU B 117 20.32 9.16 17.78
C LEU B 117 21.25 8.46 18.77
N MET B 118 20.69 7.74 19.74
CA MET B 118 21.50 7.03 20.72
C MET B 118 22.33 5.96 20.03
N MET B 119 21.69 5.21 19.14
CA MET B 119 22.32 4.12 18.42
C MET B 119 23.44 4.66 17.52
N ARG B 120 23.16 5.78 16.86
CA ARG B 120 24.06 6.39 15.88
C ARG B 120 25.30 7.00 16.55
N ASN B 121 25.15 7.56 17.76
CA ASN B 121 26.30 8.08 18.48
C ASN B 121 27.36 7.02 18.70
N ALA B 122 27.02 5.73 18.53
CA ALA B 122 27.95 4.63 18.74
C ALA B 122 28.27 3.83 17.50
N LEU B 123 27.69 4.18 16.35
CA LEU B 123 27.96 3.44 15.11
C LEU B 123 29.35 3.78 14.59
N PRO B 124 29.91 2.91 13.73
CA PRO B 124 31.17 3.26 13.05
C PRO B 124 31.07 4.52 12.18
N GLU B 125 32.25 5.06 11.90
CA GLU B 125 32.38 6.36 11.23
C GLU B 125 31.79 6.40 9.81
N ASP B 126 32.13 5.47 8.94
CA ASP B 126 31.61 5.78 7.60
C ASP B 126 30.57 4.75 7.20
N ALA B 127 29.57 4.57 8.06
CA ALA B 127 28.54 3.57 7.84
C ALA B 127 27.38 4.25 7.13
N THR B 128 27.35 4.12 5.80
CA THR B 128 26.46 4.84 4.91
C THR B 128 25.87 3.88 3.90
N GLY B 129 24.61 4.13 3.52
CA GLY B 129 24.00 3.37 2.44
C GLY B 129 24.54 3.68 1.06
N LEU B 130 25.42 4.67 0.94
CA LEU B 130 26.23 4.77 -0.27
C LEU B 130 26.98 3.47 -0.54
N ASP B 131 27.21 2.65 0.49
CA ASP B 131 27.84 1.35 0.31
C ASP B 131 26.84 0.21 0.19
N SER B 132 25.54 0.50 0.16
CA SER B 132 24.54 -0.56 -0.06
C SER B 132 24.80 -1.31 -1.37
N PRO B 133 24.94 -2.65 -1.33
CA PRO B 133 25.12 -3.39 -2.59
C PRO B 133 23.87 -3.39 -3.45
N GLY B 134 22.69 -3.43 -2.83
CA GLY B 134 21.47 -3.31 -3.61
C GLY B 134 21.42 -2.01 -4.38
N TYR B 135 21.74 -0.91 -3.70
CA TYR B 135 21.68 0.40 -4.34
C TYR B 135 22.78 0.55 -5.40
N ARG B 136 24.02 0.19 -5.05
CA ARG B 136 25.12 0.33 -6.01
C ARG B 136 24.91 -0.52 -7.25
N ASN B 137 24.41 -1.74 -7.08
CA ASN B 137 24.22 -2.59 -8.24
C ASN B 137 22.98 -2.22 -9.04
N LEU B 138 21.97 -1.66 -8.38
CA LEU B 138 20.81 -1.17 -9.13
C LEU B 138 21.21 0.02 -10.01
N ARG B 139 22.06 0.93 -9.48
CA ARG B 139 22.60 2.02 -10.29
C ARG B 139 23.43 1.50 -11.46
N ARG B 140 24.31 0.52 -11.19
CA ARG B 140 25.16 -0.05 -12.23
C ARG B 140 24.34 -0.64 -13.37
N VAL B 141 23.36 -1.47 -13.03
CA VAL B 141 22.63 -2.25 -14.03
C VAL B 141 21.64 -1.40 -14.81
N ALA B 142 21.25 -0.25 -14.28
CA ALA B 142 20.27 0.59 -14.96
C ALA B 142 20.72 1.00 -16.34
N ARG B 143 22.05 1.18 -16.53
CA ARG B 143 22.56 1.60 -17.83
C ARG B 143 22.43 0.49 -18.87
N PRO B 144 22.97 -0.71 -18.67
CA PRO B 144 22.69 -1.80 -19.62
C PRO B 144 21.21 -2.05 -19.81
N VAL B 145 20.37 -1.78 -18.79
CA VAL B 145 18.94 -1.96 -18.99
C VAL B 145 18.40 -0.91 -19.97
N TRP B 146 18.70 0.37 -19.75
CA TRP B 146 18.22 1.37 -20.68
C TRP B 146 18.73 1.07 -22.10
N LYS B 147 20.00 0.71 -22.22
CA LYS B 147 20.58 0.42 -23.53
C LYS B 147 19.81 -0.70 -24.24
N ALA B 148 19.54 -1.79 -23.54
CA ALA B 148 18.75 -2.88 -24.14
C ALA B 148 17.41 -2.38 -24.66
N TYR B 149 16.72 -1.54 -23.89
CA TYR B 149 15.44 -1.02 -24.37
C TYR B 149 15.64 -0.12 -25.59
N GLU B 150 16.51 0.89 -25.46
CA GLU B 150 16.81 1.80 -26.55
C GLU B 150 17.12 1.05 -27.85
N GLN B 151 17.99 0.04 -27.77
CA GLN B 151 18.34 -0.74 -28.95
C GLN B 151 17.16 -1.55 -29.48
N ALA B 152 16.30 -2.05 -28.60
CA ALA B 152 15.13 -2.76 -29.10
C ALA B 152 14.19 -1.81 -29.83
N VAL B 153 14.05 -0.57 -29.33
CA VAL B 153 13.17 0.36 -30.01
C VAL B 153 13.75 0.72 -31.39
N GLU B 154 15.08 0.81 -31.47
CA GLU B 154 15.77 1.13 -32.71
C GLU B 154 15.58 0.03 -33.75
N ARG B 155 15.86 -1.22 -33.37
CA ARG B 155 15.69 -2.36 -34.28
C ARG B 155 14.28 -2.41 -34.86
N ALA B 156 13.29 -1.96 -34.11
CA ALA B 156 11.91 -1.97 -34.57
C ALA B 156 11.56 -0.74 -35.38
N GLY B 157 12.53 0.16 -35.59
CA GLY B 157 12.24 1.35 -36.36
C GLY B 157 11.25 2.30 -35.75
N LEU B 158 11.20 2.40 -34.42
CA LEU B 158 10.29 3.31 -33.75
C LEU B 158 11.07 4.43 -33.07
N SER B 159 10.36 5.52 -32.75
CA SER B 159 10.85 6.49 -31.79
C SER B 159 10.13 6.32 -30.45
N LEU B 160 10.73 6.91 -29.41
CA LEU B 160 10.07 6.98 -28.09
C LEU B 160 8.78 7.77 -28.19
N GLN B 161 8.75 8.82 -28.99
CA GLN B 161 7.51 9.57 -29.13
C GLN B 161 6.40 8.65 -29.64
N ASP B 162 6.76 7.65 -30.45
CA ASP B 162 5.78 6.72 -30.98
C ASP B 162 5.17 5.87 -29.91
N VAL B 163 6.04 5.21 -29.13
CA VAL B 163 5.54 4.28 -28.13
C VAL B 163 4.83 5.04 -27.03
N ILE B 164 5.25 6.29 -26.74
CA ILE B 164 4.50 7.11 -25.79
C ILE B 164 3.10 7.38 -26.33
N ALA B 165 3.00 7.77 -27.59
CA ALA B 165 1.72 8.16 -28.18
C ALA B 165 0.75 6.98 -28.23
N GLN B 166 1.25 5.77 -28.49
CA GLN B 166 0.38 4.61 -28.64
C GLN B 166 -0.24 4.14 -27.33
N GLN B 167 0.17 4.72 -26.19
CA GLN B 167 -0.55 4.47 -24.94
C GLN B 167 -1.93 5.13 -24.94
N ASP B 168 -2.13 6.17 -25.74
CA ASP B 168 -3.40 6.90 -25.82
C ASP B 168 -4.32 6.22 -26.84
N ASP B 169 -5.46 5.68 -26.36
CA ASP B 169 -6.41 5.00 -27.24
C ASP B 169 -6.87 5.92 -28.38
N GLY B 170 -6.94 7.22 -28.14
CA GLY B 170 -7.37 8.10 -29.21
C GLY B 170 -6.29 8.50 -30.20
N TYR B 171 -5.05 8.02 -30.03
CA TYR B 171 -3.98 8.35 -30.97
C TYR B 171 -4.11 7.49 -32.23
N ASP B 172 -4.12 8.12 -33.41
CA ASP B 172 -4.50 7.46 -34.66
C ASP B 172 -3.31 6.97 -35.52
N GLY B 173 -2.06 7.16 -35.10
CA GLY B 173 -0.93 6.66 -35.86
C GLY B 173 -0.93 5.16 -36.06
N PRO B 174 -0.31 4.67 -37.14
CA PRO B 174 -0.34 3.22 -37.40
C PRO B 174 0.45 2.48 -36.32
N ARG B 175 -0.05 1.30 -35.94
CA ARG B 175 0.59 0.53 -34.88
C ARG B 175 0.89 -0.87 -35.35
N SER B 176 1.77 -1.55 -34.62
CA SER B 176 1.96 -2.98 -34.83
C SER B 176 1.91 -3.70 -33.49
N GLY B 177 1.89 -5.04 -33.57
CA GLY B 177 2.08 -5.84 -32.38
C GLY B 177 3.35 -5.48 -31.63
N GLY B 178 4.46 -5.32 -32.36
CA GLY B 178 5.71 -4.99 -31.71
C GLY B 178 5.73 -3.58 -31.12
N SER B 179 5.13 -2.62 -31.82
CA SER B 179 5.14 -1.27 -31.25
C SER B 179 4.33 -1.19 -29.96
N GLN B 180 3.20 -1.88 -29.92
CA GLN B 180 2.39 -1.80 -28.71
C GLN B 180 3.03 -2.58 -27.57
N SER B 181 3.74 -3.65 -27.88
CA SER B 181 4.49 -4.38 -26.87
C SER B 181 5.62 -3.52 -26.31
N LEU B 182 6.33 -2.79 -27.18
CA LEU B 182 7.37 -1.91 -26.67
C LEU B 182 6.78 -0.76 -25.85
N ALA B 183 5.56 -0.34 -26.19
CA ALA B 183 4.88 0.66 -25.38
C ALA B 183 4.63 0.14 -23.95
N LEU B 184 4.05 -1.06 -23.82
CA LEU B 184 3.86 -1.64 -22.48
C LEU B 184 5.18 -1.76 -21.75
N VAL B 185 6.25 -2.09 -22.47
CA VAL B 185 7.56 -2.16 -21.81
C VAL B 185 7.94 -0.79 -21.27
N ARG B 186 7.80 0.26 -22.09
CA ARG B 186 8.17 1.58 -21.61
C ARG B 186 7.35 1.96 -20.39
N GLU B 187 6.07 1.61 -20.40
CA GLU B 187 5.20 2.00 -19.27
C GLU B 187 5.59 1.27 -18.00
N ALA B 188 6.00 -0.01 -18.11
CA ALA B 188 6.43 -0.74 -16.92
C ALA B 188 7.76 -0.20 -16.41
N MET B 189 8.63 0.18 -17.35
CA MET B 189 9.90 0.76 -16.95
C MET B 189 9.68 2.08 -16.23
N LEU B 190 8.75 2.90 -16.72
CA LEU B 190 8.48 4.18 -16.08
C LEU B 190 7.91 3.98 -14.69
N ARG B 191 7.01 2.99 -14.53
CA ARG B 191 6.49 2.68 -13.21
C ARG B 191 7.60 2.24 -12.26
N LEU B 192 8.55 1.44 -12.76
CA LEU B 192 9.65 1.02 -11.90
C LEU B 192 10.47 2.24 -11.45
N ASP B 193 10.80 3.13 -12.39
CA ASP B 193 11.62 4.29 -12.06
C ASP B 193 10.88 5.24 -11.14
N GLY B 194 9.57 5.44 -11.41
CA GLY B 194 8.75 6.19 -10.47
C GLY B 194 8.77 5.60 -9.07
N SER B 195 8.68 4.27 -8.96
CA SER B 195 8.74 3.65 -7.65
C SER B 195 10.07 3.91 -6.95
N VAL B 196 11.19 3.78 -7.66
CA VAL B 196 12.51 3.98 -7.06
C VAL B 196 12.68 5.44 -6.64
N LEU B 197 12.21 6.38 -7.47
CA LEU B 197 12.21 7.79 -7.08
C LEU B 197 11.37 8.01 -5.83
N GLY B 198 10.29 7.24 -5.71
CA GLY B 198 9.52 7.27 -4.50
C GLY B 198 10.28 6.72 -3.31
N TRP B 199 11.01 5.62 -3.49
CA TRP B 199 11.87 5.16 -2.40
C TRP B 199 12.80 6.28 -1.95
N LYS B 200 13.42 6.98 -2.92
CA LYS B 200 14.38 8.03 -2.56
C LYS B 200 13.70 9.15 -1.78
N GLN B 201 12.47 9.54 -2.16
CA GLN B 201 11.81 10.64 -1.45
C GLN B 201 11.38 10.20 -0.06
N HIS B 202 10.89 8.97 0.08
CA HIS B 202 10.46 8.50 1.40
C HIS B 202 11.66 8.32 2.33
N HIS B 203 12.80 7.86 1.80
CA HIS B 203 14.00 7.79 2.60
C HIS B 203 14.45 9.20 2.99
N LEU B 204 14.28 10.17 2.10
CA LEU B 204 14.61 11.57 2.47
C LEU B 204 13.69 12.10 3.58
N ILE B 205 12.39 11.77 3.51
CA ILE B 205 11.47 12.21 4.54
C ILE B 205 11.82 11.57 5.88
N MET B 206 12.11 10.28 5.85
CA MET B 206 12.67 9.59 7.02
C MET B 206 13.88 10.32 7.58
N VAL B 207 14.82 10.72 6.73
CA VAL B 207 16.01 11.38 7.27
C VAL B 207 15.64 12.69 7.95
N TRP B 208 14.71 13.45 7.38
CA TRP B 208 14.31 14.72 7.98
C TRP B 208 13.71 14.51 9.37
N SER B 209 13.06 13.37 9.60
CA SER B 209 12.45 13.11 10.88
C SER B 209 13.42 12.51 11.90
N GLN B 210 14.58 12.02 11.47
CA GLN B 210 15.56 11.40 12.35
C GLN B 210 16.81 12.23 12.56
N LEU B 211 17.24 12.97 11.54
CA LEU B 211 18.40 13.82 11.66
C LEU B 211 18.11 15.31 11.48
N GLY B 212 16.97 15.68 10.91
CA GLY B 212 16.68 17.07 10.65
C GLY B 212 16.92 17.48 9.22
N GLY B 213 16.98 18.79 9.02
CA GLY B 213 17.19 19.34 7.70
C GLY B 213 15.99 19.45 6.79
N GLN B 214 14.76 19.30 7.32
CA GLN B 214 13.58 19.49 6.50
C GLN B 214 13.66 20.84 5.77
N PRO B 215 13.63 20.84 4.43
CA PRO B 215 13.96 22.05 3.66
C PRO B 215 13.01 23.21 3.85
N GLY B 216 11.76 22.97 4.23
CA GLY B 216 10.87 24.11 4.49
C GLY B 216 11.36 24.99 5.62
N LEU B 217 12.18 24.44 6.52
CA LEU B 217 12.70 25.17 7.67
C LEU B 217 13.63 26.32 7.29
N LEU B 230 23.72 22.65 8.14
CA LEU B 230 22.90 21.43 8.10
C LEU B 230 23.54 20.26 8.83
N PRO B 231 22.71 19.35 9.35
CA PRO B 231 23.21 18.05 9.85
C PRO B 231 24.09 17.28 8.86
N GLN B 232 24.86 16.33 9.41
CA GLN B 232 25.81 15.53 8.64
C GLN B 232 25.52 14.04 8.78
N SER B 233 25.71 13.31 7.68
CA SER B 233 25.77 11.85 7.71
C SER B 233 26.92 11.36 8.58
N LEU B 234 26.93 10.06 8.84
CA LEU B 234 28.11 9.48 9.46
C LEU B 234 29.34 9.61 8.57
N GLY B 235 29.15 9.83 7.28
CA GLY B 235 30.30 10.09 6.43
C GLY B 235 30.86 11.49 6.56
N GLY B 236 30.20 12.35 7.32
CA GLY B 236 30.60 13.73 7.41
C GLY B 236 29.99 14.64 6.37
N ARG B 237 29.12 14.12 5.51
CA ARG B 237 28.58 14.88 4.40
C ARG B 237 27.28 15.57 4.79
N SER B 238 27.15 16.84 4.38
CA SER B 238 25.89 17.56 4.57
C SER B 238 24.74 16.77 3.97
N LEU B 239 23.54 16.95 4.54
CA LEU B 239 22.36 16.30 3.99
C LEU B 239 21.98 16.89 2.64
N ALA B 240 22.51 18.07 2.31
CA ALA B 240 22.29 18.65 0.99
C ALA B 240 22.72 17.69 -0.11
N THR B 241 23.75 16.89 0.13
CA THR B 241 24.20 15.98 -0.92
C THR B 241 23.21 14.84 -1.11
N LEU B 242 22.76 14.23 -0.01
CA LEU B 242 21.68 13.24 -0.09
C LEU B 242 20.50 13.79 -0.88
N GLU B 243 20.04 14.99 -0.52
CA GLU B 243 18.85 15.53 -1.18
C GLU B 243 19.07 15.75 -2.68
N ALA B 244 20.29 16.12 -3.09
CA ALA B 244 20.53 16.33 -4.52
C ALA B 244 20.53 15.02 -5.29
N ARG B 245 21.10 13.95 -4.72
CA ARG B 245 21.11 12.64 -5.36
C ARG B 245 19.72 12.02 -5.39
N SER B 246 18.80 12.52 -4.58
CA SER B 246 17.46 11.95 -4.45
C SER B 246 16.63 12.12 -5.71
N GLN B 247 17.04 12.99 -6.62
CA GLN B 247 16.28 13.20 -7.84
C GLN B 247 16.93 12.55 -9.06
N LEU B 248 17.94 11.68 -8.83
CA LEU B 248 18.57 10.95 -9.92
C LEU B 248 17.71 9.74 -10.30
N ALA B 249 17.31 9.67 -11.56
CA ALA B 249 16.46 8.57 -12.00
C ALA B 249 17.31 7.38 -12.48
N LEU B 250 16.68 6.20 -12.54
CA LEU B 250 17.27 5.05 -13.22
C LEU B 250 17.42 5.27 -14.71
N PHE B 251 16.40 5.88 -15.35
CA PHE B 251 16.31 6.00 -16.80
C PHE B 251 16.03 7.44 -17.17
N PRO B 252 17.02 8.33 -17.02
CA PRO B 252 16.78 9.74 -17.37
C PRO B 252 16.18 9.93 -18.76
N GLU B 253 16.59 9.10 -19.72
CA GLU B 253 16.10 9.20 -21.09
C GLU B 253 14.58 9.14 -21.18
N LEU B 254 13.95 8.30 -20.35
CA LEU B 254 12.49 8.24 -20.32
C LEU B 254 11.89 9.57 -19.88
N TRP B 255 12.47 10.19 -18.84
CA TRP B 255 11.95 11.47 -18.37
C TRP B 255 12.23 12.56 -19.38
N ARG B 256 13.37 12.48 -20.07
CA ARG B 256 13.63 13.40 -21.18
C ARG B 256 12.59 13.23 -22.28
N ALA B 257 12.20 12.00 -22.59
CA ALA B 257 11.19 11.80 -23.63
C ALA B 257 9.83 12.39 -23.22
N ALA B 258 9.49 12.28 -21.93
CA ALA B 258 8.28 12.93 -21.43
C ALA B 258 8.32 14.44 -21.67
N GLU B 259 9.41 15.08 -21.24
CA GLU B 259 9.48 16.52 -21.45
C GLU B 259 9.45 16.84 -22.94
N ASP B 260 10.09 16.00 -23.75
CA ASP B 260 10.06 16.11 -25.20
C ASP B 260 8.62 16.15 -25.71
N ALA B 261 7.76 15.27 -25.17
CA ALA B 261 6.37 15.23 -25.59
C ALA B 261 5.67 16.55 -25.26
N TYR B 262 5.94 17.10 -24.08
CA TYR B 262 5.36 18.39 -23.71
C TYR B 262 5.71 19.47 -24.74
N TRP B 263 6.99 19.56 -25.08
CA TRP B 263 7.39 20.61 -26.02
C TRP B 263 6.81 20.38 -27.41
N LEU B 264 6.74 19.12 -27.85
CA LEU B 264 6.35 18.87 -29.24
C LEU B 264 4.84 18.91 -29.42
N LEU B 265 4.09 18.41 -28.42
CA LEU B 265 2.64 18.24 -28.55
C LEU B 265 1.82 19.24 -27.74
N GLY B 266 2.39 19.85 -26.70
CA GLY B 266 1.67 20.88 -25.98
C GLY B 266 1.53 22.10 -26.86
N THR B 267 0.35 22.73 -26.84
CA THR B 267 0.09 23.85 -27.74
C THR B 267 -0.23 25.12 -26.94
N ARG B 268 0.31 25.19 -25.72
CA ARG B 268 -0.06 26.17 -24.70
C ARG B 268 1.09 27.00 -24.18
N HIS B 269 2.34 26.56 -24.37
CA HIS B 269 3.44 27.19 -23.64
C HIS B 269 3.49 28.68 -23.93
N ASP B 270 3.76 29.46 -22.89
CA ASP B 270 3.90 30.93 -22.96
C ASP B 270 2.61 31.62 -23.39
N THR B 271 1.45 31.01 -23.13
CA THR B 271 0.17 31.64 -23.45
C THR B 271 -0.79 31.80 -22.28
N ASP B 272 -0.50 31.18 -21.13
CA ASP B 272 -1.42 31.19 -20.00
C ASP B 272 -0.96 32.14 -18.91
N ALA B 273 -1.90 32.48 -18.03
CA ALA B 273 -1.67 33.47 -17.00
C ALA B 273 -2.71 33.24 -15.90
N PRO B 274 -2.55 33.85 -14.73
CA PRO B 274 -3.54 33.66 -13.66
C PRO B 274 -4.85 34.36 -13.95
N VAL B 275 -5.93 33.81 -13.37
CA VAL B 275 -7.27 34.34 -13.55
C VAL B 275 -7.89 34.71 -12.20
N LYS C 4 -35.35 2.65 -12.18
CA LYS C 4 -33.99 3.17 -12.08
C LYS C 4 -33.60 4.06 -13.24
N ARG C 5 -32.29 4.27 -13.34
CA ARG C 5 -31.73 5.20 -14.32
C ARG C 5 -30.32 4.70 -14.64
N SER C 6 -29.82 5.10 -15.81
CA SER C 6 -28.54 4.61 -16.31
C SER C 6 -27.57 5.77 -16.49
N LEU C 7 -26.32 5.55 -16.09
CA LEU C 7 -25.29 6.53 -16.35
C LEU C 7 -24.88 6.55 -17.82
N ASN C 8 -25.15 5.48 -18.56
CA ASN C 8 -24.77 5.39 -19.98
C ASN C 8 -25.97 4.95 -20.80
N PRO C 9 -27.03 5.77 -20.84
CA PRO C 9 -28.28 5.33 -21.46
C PRO C 9 -28.14 5.00 -22.93
N ASP C 10 -27.25 5.66 -23.66
CA ASP C 10 -27.11 5.34 -25.08
C ASP C 10 -26.30 4.09 -25.33
N GLU C 11 -25.80 3.44 -24.27
CA GLU C 11 -25.30 2.08 -24.44
C GLU C 11 -26.52 1.19 -24.68
N PRO C 12 -26.60 0.48 -25.80
CA PRO C 12 -27.82 -0.30 -26.08
C PRO C 12 -27.81 -1.71 -25.48
N ASN C 13 -26.63 -2.24 -25.14
CA ASN C 13 -26.58 -3.56 -24.51
C ASN C 13 -26.82 -3.35 -23.02
N ALA C 14 -27.96 -3.86 -22.53
CA ALA C 14 -28.35 -3.57 -21.16
C ALA C 14 -27.41 -4.18 -20.12
N LEU C 15 -26.67 -5.24 -20.47
CA LEU C 15 -25.75 -5.85 -19.52
C LEU C 15 -24.55 -4.96 -19.22
N LEU C 16 -24.35 -3.92 -20.03
CA LEU C 16 -23.28 -2.95 -19.88
C LEU C 16 -23.80 -1.60 -19.39
N SER C 17 -25.08 -1.49 -19.07
CA SER C 17 -25.59 -0.27 -18.47
C SER C 17 -25.13 -0.17 -17.02
N TYR C 18 -24.66 0.99 -16.63
CA TYR C 18 -24.40 1.24 -15.21
C TYR C 18 -25.70 1.79 -14.64
N ASP C 19 -26.52 0.91 -14.06
CA ASP C 19 -27.80 1.29 -13.46
C ASP C 19 -27.64 1.84 -12.05
N PHE C 20 -28.38 2.90 -11.74
CA PHE C 20 -28.30 3.50 -10.42
C PHE C 20 -29.58 4.30 -10.16
N ASP C 21 -29.55 5.09 -9.09
CA ASP C 21 -30.71 5.86 -8.63
C ASP C 21 -31.93 4.96 -8.43
N ARG C 22 -31.72 3.85 -7.73
CA ARG C 22 -32.80 2.92 -7.47
C ARG C 22 -33.55 3.23 -6.20
N GLY C 23 -33.20 4.33 -5.51
CA GLY C 23 -33.91 4.74 -4.32
C GLY C 23 -33.81 3.80 -3.14
N SER C 24 -32.84 2.89 -3.12
CA SER C 24 -32.65 2.06 -1.95
C SER C 24 -32.18 2.88 -0.75
N ASN C 25 -32.36 2.31 0.44
CA ASN C 25 -31.93 3.02 1.64
C ASN C 25 -30.41 3.15 1.70
N TYR C 26 -29.68 2.14 1.21
CA TYR C 26 -28.24 2.29 1.01
C TYR C 26 -27.89 3.56 0.25
N GLU C 27 -28.52 3.76 -0.92
CA GLU C 27 -28.28 4.98 -1.70
C GLU C 27 -28.81 6.23 -0.98
N ASN C 28 -29.98 6.14 -0.34
CA ASN C 28 -30.53 7.30 0.37
C ASN C 28 -29.59 7.79 1.46
N VAL C 29 -29.14 6.87 2.33
CA VAL C 29 -28.30 7.25 3.45
C VAL C 29 -27.03 7.93 2.95
N LEU C 30 -26.46 7.44 1.84
CA LEU C 30 -25.16 7.91 1.37
C LEU C 30 -25.22 9.15 0.49
N HIS C 31 -26.42 9.60 0.08
CA HIS C 31 -26.55 10.63 -0.94
C HIS C 31 -25.82 10.21 -2.21
N LEU C 32 -25.85 8.91 -2.52
CA LEU C 32 -25.01 8.38 -3.59
C LEU C 32 -25.43 8.89 -4.96
N THR C 33 -26.72 9.02 -5.19
CA THR C 33 -27.16 9.49 -6.50
C THR C 33 -26.65 10.89 -6.77
N ASP C 34 -26.71 11.78 -5.78
CA ASP C 34 -26.17 13.12 -5.95
C ASP C 34 -24.67 13.09 -6.23
N ALA C 35 -23.96 12.19 -5.56
CA ALA C 35 -22.51 12.16 -5.76
C ALA C 35 -22.15 11.62 -7.14
N LEU C 36 -22.89 10.60 -7.60
CA LEU C 36 -22.65 10.06 -8.95
C LEU C 36 -23.01 11.07 -10.04
N GLY C 37 -23.96 11.97 -9.75
CA GLY C 37 -24.35 13.02 -10.69
C GLY C 37 -23.29 14.07 -10.93
N ALA C 38 -22.23 14.08 -10.13
CA ALA C 38 -21.10 14.96 -10.39
C ALA C 38 -20.24 14.45 -11.55
N LEU C 39 -20.35 13.17 -11.90
CA LEU C 39 -19.51 12.63 -12.97
C LEU C 39 -19.86 13.30 -14.29
N VAL C 40 -18.83 13.65 -15.06
CA VAL C 40 -19.13 14.28 -16.35
C VAL C 40 -19.94 13.32 -17.19
N PRO C 41 -21.06 13.75 -17.77
CA PRO C 41 -21.91 12.81 -18.51
C PRO C 41 -21.20 12.23 -19.73
N GLU C 42 -21.49 10.95 -20.00
CA GLU C 42 -20.77 10.24 -21.06
C GLU C 42 -20.92 10.95 -22.40
N SER C 43 -22.08 11.54 -22.66
CA SER C 43 -22.29 12.27 -23.91
C SER C 43 -21.47 13.56 -24.00
N GLU C 44 -20.84 14.00 -22.91
CA GLU C 44 -20.05 15.22 -22.98
C GLU C 44 -18.55 14.99 -22.90
N THR C 45 -18.09 13.81 -22.51
CA THR C 45 -16.66 13.55 -22.44
C THR C 45 -16.01 13.72 -23.81
N GLU C 46 -14.84 14.35 -23.80
CA GLU C 46 -14.08 14.63 -25.01
C GLU C 46 -12.89 13.70 -25.18
N HIS C 47 -12.66 12.77 -24.25
CA HIS C 47 -11.56 11.81 -24.34
C HIS C 47 -11.92 10.64 -23.45
N PRO C 48 -11.61 9.39 -23.83
CA PRO C 48 -12.02 8.26 -22.99
C PRO C 48 -11.27 8.17 -21.67
N ASP C 49 -10.11 8.83 -21.56
CA ASP C 49 -9.42 8.89 -20.28
C ASP C 49 -9.90 10.04 -19.39
N GLN C 50 -10.85 10.85 -19.85
CA GLN C 50 -11.30 11.98 -19.04
C GLN C 50 -11.98 11.54 -17.73
N ARG C 51 -12.78 10.46 -17.78
CA ARG C 51 -13.45 10.02 -16.56
C ARG C 51 -12.44 9.56 -15.51
N PHE C 52 -11.46 8.77 -15.91
CA PHE C 52 -10.43 8.34 -14.97
C PHE C 52 -9.75 9.55 -14.32
N PHE C 53 -9.38 10.54 -15.14
CA PHE C 53 -8.81 11.78 -14.62
C PHE C 53 -9.70 12.44 -13.56
N GLN C 54 -11.00 12.61 -13.86
CA GLN C 54 -11.89 13.29 -12.93
C GLN C 54 -12.05 12.49 -11.65
N VAL C 55 -12.23 11.17 -11.79
CA VAL C 55 -12.54 10.36 -10.61
C VAL C 55 -11.37 10.37 -9.63
N THR C 56 -10.12 10.33 -10.12
CA THR C 56 -9.01 10.36 -9.17
C THR C 56 -8.98 11.68 -8.39
N HIS C 57 -9.33 12.79 -9.03
CA HIS C 57 -9.42 14.05 -8.27
C HIS C 57 -10.55 14.00 -7.26
N LEU C 58 -11.71 13.48 -7.66
CA LEU C 58 -12.84 13.47 -6.74
C LEU C 58 -12.58 12.58 -5.53
N ILE C 59 -11.94 11.44 -5.72
CA ILE C 59 -11.58 10.62 -4.57
C ILE C 59 -10.67 11.41 -3.64
N THR C 60 -9.71 12.13 -4.22
CA THR C 60 -8.77 12.89 -3.41
C THR C 60 -9.48 13.97 -2.62
N GLU C 61 -10.37 14.74 -3.28
CA GLU C 61 -11.04 15.80 -2.53
C GLU C 61 -12.00 15.27 -1.47
N TYR C 62 -12.63 14.10 -1.69
CA TYR C 62 -13.40 13.51 -0.60
C TYR C 62 -12.50 13.17 0.58
N ALA C 63 -11.34 12.54 0.30
CA ALA C 63 -10.43 12.17 1.38
C ALA C 63 -9.94 13.40 2.14
N TRP C 64 -9.62 14.49 1.43
CA TRP C 64 -9.11 15.68 2.10
C TRP C 64 -10.18 16.40 2.92
N VAL C 65 -11.44 16.41 2.46
CA VAL C 65 -12.43 17.08 3.29
C VAL C 65 -12.66 16.26 4.57
N GLN C 66 -12.47 14.95 4.51
CA GLN C 66 -12.58 14.14 5.71
C GLN C 66 -11.35 14.34 6.60
N VAL C 67 -10.16 14.51 6.01
CA VAL C 67 -9.00 14.89 6.83
C VAL C 67 -9.32 16.17 7.60
N HIS C 68 -9.90 17.16 6.92
CA HIS C 68 -10.18 18.45 7.55
C HIS C 68 -11.15 18.28 8.72
N TYR C 69 -12.23 17.54 8.49
CA TYR C 69 -13.21 17.25 9.52
C TYR C 69 -12.56 16.61 10.72
N GLU C 70 -11.67 15.62 10.51
CA GLU C 70 -11.12 14.97 11.68
C GLU C 70 -10.05 15.81 12.37
N LEU C 71 -9.40 16.73 11.65
CA LEU C 71 -8.44 17.61 12.30
C LEU C 71 -9.14 18.65 13.17
N ARG C 72 -10.28 19.17 12.72
CA ARG C 72 -11.13 19.99 13.61
C ARG C 72 -11.47 19.25 14.91
N ARG C 73 -11.85 17.97 14.81
CA ARG C 73 -12.10 17.20 16.02
C ARG C 73 -10.85 17.08 16.89
N ALA C 74 -9.68 16.96 16.24
CA ALA C 74 -8.45 16.86 16.99
C ALA C 74 -8.18 18.15 17.74
N ILE C 75 -8.47 19.29 17.11
CA ILE C 75 -8.34 20.56 17.81
C ILE C 75 -9.22 20.57 19.06
N GLY C 76 -10.47 20.13 18.91
CA GLY C 76 -11.37 20.11 20.05
C GLY C 76 -10.86 19.25 21.18
N HIS C 77 -10.38 18.04 20.84
CA HIS C 77 -9.82 17.14 21.86
C HIS C 77 -8.62 17.77 22.56
N LEU C 78 -7.70 18.36 21.78
CA LEU C 78 -6.46 18.87 22.35
C LEU C 78 -6.73 20.05 23.27
N ASP C 79 -7.68 20.92 22.90
CA ASP C 79 -8.03 22.07 23.73
C ASP C 79 -8.62 21.65 25.07
N GLU C 80 -9.15 20.43 25.16
CA GLU C 80 -9.69 19.90 26.40
C GLU C 80 -8.81 18.82 27.01
N ASP C 81 -7.56 18.69 26.56
CA ASP C 81 -6.60 17.71 27.12
C ASP C 81 -7.08 16.27 26.96
N ARG C 82 -7.90 15.99 25.94
CA ARG C 82 -8.30 14.60 25.70
C ARG C 82 -7.29 13.99 24.72
N TYR C 83 -6.15 13.57 25.27
CA TYR C 83 -5.01 13.20 24.41
C TYR C 83 -5.29 11.92 23.62
N HIS C 84 -5.74 10.87 24.30
CA HIS C 84 -6.01 9.61 23.61
C HIS C 84 -6.99 9.81 22.47
N GLN C 85 -7.98 10.66 22.68
CA GLN C 85 -9.00 10.90 21.68
C GLN C 85 -8.44 11.62 20.46
N ALA C 86 -7.52 12.58 20.70
CA ALA C 86 -6.86 13.27 19.59
C ALA C 86 -5.98 12.33 18.77
N VAL C 87 -5.31 11.36 19.42
CA VAL C 87 -4.46 10.42 18.69
C VAL C 87 -5.23 9.74 17.56
N ARG C 88 -6.44 9.28 17.88
CA ARG C 88 -7.23 8.56 16.90
C ARG C 88 -7.58 9.43 15.69
N MET C 89 -7.87 10.72 15.91
CA MET C 89 -8.20 11.57 14.78
C MET C 89 -6.98 11.79 13.88
N PHE C 90 -5.80 11.90 14.48
CA PHE C 90 -4.61 12.05 13.63
C PHE C 90 -4.32 10.76 12.87
N ASP C 91 -4.46 9.61 13.53
CA ASP C 91 -4.26 8.34 12.83
C ASP C 91 -5.25 8.19 11.68
N ARG C 92 -6.53 8.50 11.92
CA ARG C 92 -7.52 8.41 10.86
C ARG C 92 -7.15 9.35 9.72
N ALA C 93 -6.74 10.58 10.05
CA ALA C 93 -6.32 11.48 8.97
C ALA C 93 -5.19 10.88 8.17
N THR C 94 -4.26 10.20 8.84
CA THR C 94 -3.14 9.61 8.12
C THR C 94 -3.62 8.57 7.10
N GLY C 95 -4.55 7.69 7.51
CA GLY C 95 -5.08 6.73 6.57
C GLY C 95 -5.75 7.39 5.39
N LEU C 96 -6.49 8.48 5.64
CA LEU C 96 -7.18 9.19 4.57
C LEU C 96 -6.18 9.85 3.63
N SER C 97 -5.09 10.38 4.20
CA SER C 97 -4.01 10.92 3.37
C SER C 97 -3.40 9.83 2.48
N GLU C 98 -3.24 8.62 3.03
CA GLU C 98 -2.68 7.54 2.23
C GLU C 98 -3.58 7.20 1.05
N VAL C 99 -4.90 7.43 1.20
CA VAL C 99 -5.80 7.22 0.06
C VAL C 99 -5.50 8.24 -1.04
N THR C 100 -5.23 9.50 -0.66
CA THR C 100 -4.87 10.50 -1.70
C THR C 100 -3.59 10.11 -2.42
N VAL C 101 -2.65 9.50 -1.71
CA VAL C 101 -1.39 9.09 -2.34
C VAL C 101 -1.67 8.02 -3.38
N GLN C 102 -2.47 7.01 -3.02
CA GLN C 102 -2.75 5.96 -3.98
C GLN C 102 -3.53 6.51 -5.17
N ALA C 103 -4.35 7.54 -4.97
CA ALA C 103 -5.10 8.13 -6.07
C ALA C 103 -4.19 8.86 -7.05
N VAL C 104 -3.23 9.64 -6.55
CA VAL C 104 -2.38 10.34 -7.51
C VAL C 104 -1.48 9.35 -8.24
N ARG C 105 -1.04 8.30 -7.53
CA ARG C 105 -0.17 7.29 -8.11
C ARG C 105 -0.89 6.45 -9.15
N LEU C 106 -2.23 6.39 -9.08
CA LEU C 106 -3.03 5.80 -10.15
C LEU C 106 -2.84 6.56 -11.45
N LEU C 107 -2.72 7.89 -11.36
CA LEU C 107 -2.40 8.65 -12.58
C LEU C 107 -0.99 8.35 -13.06
N THR C 108 -0.04 8.31 -12.13
CA THR C 108 1.33 8.04 -12.56
C THR C 108 1.43 6.69 -13.25
N ASP C 109 0.78 5.67 -12.69
CA ASP C 109 0.92 4.34 -13.23
C ASP C 109 0.05 4.08 -14.45
N HIS C 110 -1.05 4.82 -14.66
CA HIS C 110 -2.00 4.47 -15.73
C HIS C 110 -2.48 5.62 -16.61
N LEU C 111 -2.32 6.88 -16.24
CA LEU C 111 -2.76 7.94 -17.13
C LEU C 111 -1.77 8.10 -18.27
N PRO C 112 -2.16 7.90 -19.53
CA PRO C 112 -1.20 8.10 -20.64
C PRO C 112 -0.84 9.58 -20.75
N GLN C 113 0.45 9.88 -20.72
CA GLN C 113 0.88 11.25 -20.94
C GLN C 113 0.26 11.82 -22.21
N HIS C 114 0.20 11.01 -23.28
CA HIS C 114 -0.32 11.55 -24.52
C HIS C 114 -1.78 11.97 -24.40
N SER C 115 -2.59 11.21 -23.64
CA SER C 115 -3.97 11.60 -23.40
C SER C 115 -4.04 12.87 -22.57
N LEU C 116 -3.23 12.94 -21.51
CA LEU C 116 -3.18 14.16 -20.71
C LEU C 116 -2.90 15.39 -21.58
N LEU C 117 -1.89 15.32 -22.45
CA LEU C 117 -1.52 16.49 -23.25
C LEU C 117 -2.66 16.91 -24.18
N MET C 118 -3.26 15.95 -24.89
CA MET C 118 -4.47 16.21 -25.69
C MET C 118 -5.56 16.88 -24.86
N MET C 119 -5.81 16.34 -23.67
CA MET C 119 -6.85 16.89 -22.83
C MET C 119 -6.47 18.29 -22.36
N ARG C 120 -5.22 18.44 -21.92
CA ARG C 120 -4.72 19.70 -21.39
C ARG C 120 -4.73 20.82 -22.42
N ASN C 121 -4.49 20.49 -23.69
CA ASN C 121 -4.52 21.51 -24.74
C ASN C 121 -5.90 22.17 -24.85
N ALA C 122 -6.96 21.53 -24.37
CA ALA C 122 -8.31 22.08 -24.46
C ALA C 122 -8.85 22.59 -23.13
N LEU C 123 -8.10 22.42 -22.03
CA LEU C 123 -8.62 22.77 -20.72
C LEU C 123 -8.69 24.29 -20.54
N PRO C 124 -9.50 24.77 -19.60
CA PRO C 124 -9.49 26.21 -19.33
C PRO C 124 -8.12 26.69 -18.85
N GLU C 125 -7.89 27.98 -19.05
CA GLU C 125 -6.68 28.61 -18.54
C GLU C 125 -6.71 28.72 -17.01
N ASP C 126 -5.53 28.58 -16.40
CA ASP C 126 -5.36 28.66 -14.95
C ASP C 126 -6.33 27.73 -14.20
N ALA C 127 -6.51 26.53 -14.75
CA ALA C 127 -7.19 25.46 -14.02
C ALA C 127 -6.10 24.69 -13.29
N THR C 128 -6.02 24.91 -11.97
CA THR C 128 -4.91 24.48 -11.15
C THR C 128 -5.41 23.98 -9.82
N GLY C 129 -4.73 22.98 -9.27
CA GLY C 129 -4.98 22.54 -7.90
C GLY C 129 -4.56 23.52 -6.82
N LEU C 130 -3.93 24.64 -7.18
CA LEU C 130 -3.81 25.71 -6.21
C LEU C 130 -5.19 26.18 -5.72
N ASP C 131 -6.24 25.93 -6.50
CA ASP C 131 -7.62 26.20 -6.10
C ASP C 131 -8.33 24.97 -5.57
N SER C 132 -7.62 23.90 -5.28
CA SER C 132 -8.25 22.78 -4.59
C SER C 132 -8.76 23.21 -3.22
N PRO C 133 -10.04 22.99 -2.90
CA PRO C 133 -10.50 23.30 -1.54
C PRO C 133 -9.92 22.35 -0.50
N GLY C 134 -9.76 21.06 -0.83
CA GLY C 134 -9.08 20.17 0.10
C GLY C 134 -7.70 20.67 0.48
N TYR C 135 -6.99 21.21 -0.50
CA TYR C 135 -5.63 21.67 -0.29
C TYR C 135 -5.58 23.02 0.41
N ARG C 136 -6.42 23.96 -0.03
CA ARG C 136 -6.43 25.28 0.58
C ARG C 136 -6.91 25.21 2.02
N ASN C 137 -7.92 24.36 2.30
CA ASN C 137 -8.41 24.27 3.66
C ASN C 137 -7.48 23.47 4.57
N LEU C 138 -6.77 22.47 4.04
CA LEU C 138 -5.82 21.75 4.87
C LEU C 138 -4.64 22.64 5.27
N ARG C 139 -4.18 23.47 4.34
CA ARG C 139 -3.12 24.44 4.66
C ARG C 139 -3.61 25.44 5.71
N ARG C 140 -4.85 25.91 5.55
CA ARG C 140 -5.40 26.89 6.47
C ARG C 140 -5.56 26.31 7.88
N VAL C 141 -6.06 25.07 7.99
CA VAL C 141 -6.35 24.49 9.29
C VAL C 141 -5.12 23.98 9.99
N ALA C 142 -4.01 23.80 9.28
CA ALA C 142 -2.82 23.22 9.88
C ALA C 142 -2.26 24.12 10.97
N ARG C 143 -2.41 25.43 10.84
CA ARG C 143 -1.92 26.35 11.87
C ARG C 143 -2.71 26.21 13.16
N PRO C 144 -4.04 26.30 13.16
CA PRO C 144 -4.77 26.04 14.41
C PRO C 144 -4.49 24.65 14.99
N VAL C 145 -4.25 23.64 14.15
CA VAL C 145 -3.99 22.30 14.66
C VAL C 145 -2.69 22.29 15.46
N TRP C 146 -1.65 22.88 14.88
CA TRP C 146 -0.36 22.92 15.57
C TRP C 146 -0.45 23.74 16.86
N LYS C 147 -1.15 24.88 16.80
CA LYS C 147 -1.28 25.69 18.00
C LYS C 147 -1.96 24.91 19.12
N ALA C 148 -2.99 24.11 18.77
CA ALA C 148 -3.66 23.32 19.80
C ALA C 148 -2.72 22.31 20.45
N TYR C 149 -1.86 21.66 19.65
CA TYR C 149 -0.90 20.72 20.23
C TYR C 149 0.11 21.45 21.12
N GLU C 150 0.68 22.54 20.59
CA GLU C 150 1.67 23.33 21.31
C GLU C 150 1.13 23.80 22.65
N GLN C 151 -0.09 24.35 22.67
CA GLN C 151 -0.68 24.79 23.92
C GLN C 151 -0.89 23.61 24.86
N ALA C 152 -1.28 22.44 24.34
CA ALA C 152 -1.47 21.31 25.24
C ALA C 152 -0.14 20.88 25.86
N VAL C 153 0.94 20.93 25.07
CA VAL C 153 2.25 20.59 25.61
C VAL C 153 2.66 21.58 26.70
N GLU C 154 2.51 22.88 26.44
CA GLU C 154 2.82 23.91 27.43
C GLU C 154 2.04 23.69 28.72
N ARG C 155 0.72 23.46 28.60
CA ARG C 155 -0.11 23.30 29.79
C ARG C 155 0.38 22.15 30.64
N ALA C 156 0.88 21.10 30.02
CA ALA C 156 1.42 19.98 30.78
C ALA C 156 2.83 20.25 31.31
N GLY C 157 3.39 21.43 31.03
CA GLY C 157 4.73 21.73 31.52
C GLY C 157 5.81 20.86 30.92
N LEU C 158 5.67 20.50 29.65
CA LEU C 158 6.58 19.61 28.95
C LEU C 158 7.28 20.38 27.84
N SER C 159 8.42 19.87 27.40
CA SER C 159 9.06 20.35 26.19
C SER C 159 8.87 19.33 25.08
N LEU C 160 9.02 19.78 23.82
CA LEU C 160 8.97 18.84 22.70
C LEU C 160 10.12 17.82 22.79
N GLN C 161 11.28 18.24 23.29
CA GLN C 161 12.37 17.28 23.47
C GLN C 161 11.96 16.14 24.38
N ASP C 162 11.22 16.47 25.45
CA ASP C 162 10.68 15.47 26.39
CA ASP C 162 10.77 15.44 26.38
C ASP C 162 9.83 14.46 25.68
N VAL C 163 8.84 14.94 24.93
CA VAL C 163 7.91 13.98 24.36
C VAL C 163 8.59 13.17 23.27
N ILE C 164 9.55 13.76 22.53
CA ILE C 164 10.33 12.98 21.57
C ILE C 164 11.13 11.90 22.29
N ALA C 165 11.82 12.29 23.37
CA ALA C 165 12.68 11.34 24.09
C ALA C 165 11.88 10.17 24.65
N GLN C 166 10.65 10.42 25.08
CA GLN C 166 9.85 9.37 25.71
C GLN C 166 9.35 8.33 24.72
N GLN C 167 9.53 8.54 23.44
CA GLN C 167 9.22 7.46 22.48
C GLN C 167 10.22 6.31 22.58
N ASP C 168 11.42 6.58 23.11
CA ASP C 168 12.51 5.61 23.23
C ASP C 168 12.35 4.85 24.55
N ASP C 169 12.14 3.53 24.48
CA ASP C 169 12.05 2.74 25.70
C ASP C 169 13.30 2.86 26.58
N GLY C 170 14.45 3.16 25.99
CA GLY C 170 15.64 3.31 26.81
C GLY C 170 15.80 4.64 27.51
N TYR C 171 14.98 5.63 27.16
CA TYR C 171 15.12 6.94 27.80
C TYR C 171 14.60 6.91 29.22
N ASP C 172 15.43 7.37 30.18
CA ASP C 172 15.16 7.18 31.61
C ASP C 172 14.57 8.42 32.31
N GLY C 173 14.22 9.46 31.59
CA GLY C 173 13.60 10.62 32.21
C GLY C 173 12.25 10.30 32.83
N PRO C 174 11.81 11.13 33.77
CA PRO C 174 10.51 10.88 34.41
C PRO C 174 9.38 11.05 33.42
N ARG C 175 8.36 10.19 33.56
CA ARG C 175 7.23 10.15 32.67
C ARG C 175 5.94 10.21 33.48
N SER C 176 4.87 10.63 32.81
CA SER C 176 3.55 10.57 33.37
C SER C 176 2.62 9.98 32.32
N GLY C 177 1.38 9.72 32.72
CA GLY C 177 0.39 9.32 31.74
C GLY C 177 0.16 10.39 30.69
N GLY C 178 0.09 11.65 31.12
CA GLY C 178 -0.05 12.73 30.17
C GLY C 178 1.12 12.85 29.21
N SER C 179 2.35 12.76 29.72
CA SER C 179 3.48 13.01 28.82
C SER C 179 3.57 11.93 27.75
N GLN C 180 3.26 10.68 28.10
CA GLN C 180 3.37 9.61 27.13
C GLN C 180 2.22 9.69 26.12
N SER C 181 1.03 10.09 26.60
CA SER C 181 -0.09 10.35 25.72
C SER C 181 0.25 11.45 24.72
N LEU C 182 0.88 12.54 25.18
CA LEU C 182 1.23 13.62 24.27
C LEU C 182 2.35 13.22 23.30
N ALA C 183 3.21 12.29 23.69
CA ALA C 183 4.16 11.68 22.77
C ALA C 183 3.44 10.93 21.65
N LEU C 184 2.49 10.06 22.03
CA LEU C 184 1.72 9.36 21.01
C LEU C 184 1.05 10.35 20.08
N VAL C 185 0.55 11.48 20.61
CA VAL C 185 -0.05 12.47 19.71
C VAL C 185 1.00 13.03 18.75
N ARG C 186 2.19 13.35 19.29
CA ARG C 186 3.24 13.85 18.41
C ARG C 186 3.55 12.83 17.33
N GLU C 187 3.66 11.56 17.70
CA GLU C 187 4.06 10.56 16.72
C GLU C 187 3.01 10.45 15.63
N ALA C 188 1.74 10.58 16.01
CA ALA C 188 0.68 10.55 15.01
C ALA C 188 0.68 11.79 14.14
N MET C 189 0.94 12.97 14.71
CA MET C 189 1.01 14.10 13.80
C MET C 189 2.20 14.01 12.86
N LEU C 190 3.30 13.41 13.29
CA LEU C 190 4.45 13.28 12.41
C LEU C 190 4.15 12.32 11.27
N ARG C 191 3.43 11.22 11.56
CA ARG C 191 3.06 10.31 10.48
C ARG C 191 2.14 10.99 9.48
N LEU C 192 1.17 11.77 9.97
CA LEU C 192 0.30 12.52 9.08
C LEU C 192 1.09 13.47 8.18
N ASP C 193 1.94 14.32 8.77
CA ASP C 193 2.70 15.27 7.97
C ASP C 193 3.63 14.54 7.00
N GLY C 194 4.25 13.42 7.43
CA GLY C 194 5.06 12.66 6.50
C GLY C 194 4.24 12.11 5.33
N SER C 195 2.99 11.70 5.62
CA SER C 195 2.13 11.22 4.55
C SER C 195 1.81 12.34 3.57
N VAL C 196 1.57 13.55 4.07
CA VAL C 196 1.22 14.64 3.18
C VAL C 196 2.44 15.07 2.36
N LEU C 197 3.62 15.02 2.98
CA LEU C 197 4.85 15.25 2.25
C LEU C 197 5.03 14.20 1.17
N GLY C 198 4.60 12.96 1.46
CA GLY C 198 4.61 11.92 0.44
C GLY C 198 3.67 12.22 -0.72
N TRP C 199 2.46 12.70 -0.43
CA TRP C 199 1.55 13.09 -1.52
C TRP C 199 2.20 14.15 -2.40
N LYS C 200 2.81 15.17 -1.79
CA LYS C 200 3.45 16.21 -2.60
C LYS C 200 4.54 15.64 -3.50
N GLN C 201 5.34 14.71 -2.99
CA GLN C 201 6.41 14.14 -3.82
C GLN C 201 5.85 13.23 -4.91
N HIS C 202 4.88 12.38 -4.59
CA HIS C 202 4.31 11.55 -5.64
C HIS C 202 3.58 12.38 -6.69
N HIS C 203 2.94 13.47 -6.26
CA HIS C 203 2.33 14.37 -7.24
C HIS C 203 3.40 15.04 -8.10
N LEU C 204 4.57 15.32 -7.53
CA LEU C 204 5.65 15.88 -8.33
C LEU C 204 6.18 14.87 -9.35
N ILE C 205 6.43 13.65 -8.91
CA ILE C 205 6.89 12.59 -9.81
C ILE C 205 5.90 12.39 -10.97
N MET C 206 4.61 12.30 -10.64
CA MET C 206 3.56 12.33 -11.66
C MET C 206 3.70 13.50 -12.65
N VAL C 207 3.88 14.70 -12.13
CA VAL C 207 3.97 15.87 -13.02
C VAL C 207 5.16 15.74 -13.95
N TRP C 208 6.29 15.23 -13.43
CA TRP C 208 7.48 15.02 -14.24
C TRP C 208 7.21 14.06 -15.38
N SER C 209 6.37 13.05 -15.14
CA SER C 209 6.05 12.05 -16.16
C SER C 209 4.97 12.52 -17.14
N GLN C 210 4.27 13.61 -16.85
CA GLN C 210 3.19 14.09 -17.73
C GLN C 210 3.53 15.38 -18.46
N LEU C 211 4.28 16.28 -17.82
CA LEU C 211 4.68 17.56 -18.37
C LEU C 211 6.18 17.71 -18.54
N GLY C 212 6.98 16.87 -17.89
CA GLY C 212 8.42 16.98 -17.94
C GLY C 212 9.01 17.70 -16.74
N GLY C 213 10.25 18.13 -16.92
CA GLY C 213 10.93 18.86 -15.88
C GLY C 213 11.65 18.03 -14.82
N GLN C 214 11.79 16.72 -15.00
CA GLN C 214 12.51 15.90 -14.02
C GLN C 214 13.89 16.53 -13.72
N PRO C 215 14.22 16.81 -12.45
CA PRO C 215 15.39 17.66 -12.15
C PRO C 215 16.73 17.03 -12.46
N GLY C 216 16.83 15.71 -12.58
CA GLY C 216 18.09 15.12 -13.02
C GLY C 216 18.49 15.58 -14.41
N LEU C 217 17.50 15.84 -15.28
CA LEU C 217 17.78 16.26 -16.65
C LEU C 217 18.47 17.63 -16.74
N ARG C 218 18.54 18.38 -15.64
CA ARG C 218 19.09 19.74 -15.58
C ARG C 218 20.29 19.84 -14.64
N LEU C 230 11.74 25.79 -18.58
CA LEU C 230 11.01 24.67 -17.97
C LEU C 230 9.56 24.71 -18.44
N PRO C 231 8.89 23.54 -18.48
CA PRO C 231 7.44 23.54 -18.71
C PRO C 231 6.69 24.44 -17.74
N GLN C 232 5.47 24.81 -18.13
CA GLN C 232 4.63 25.72 -17.39
C GLN C 232 3.28 25.07 -17.14
N SER C 233 2.69 25.40 -15.99
CA SER C 233 1.33 24.99 -15.64
C SER C 233 0.31 25.70 -16.52
N LEU C 234 -0.96 25.29 -16.38
CA LEU C 234 -2.06 25.96 -17.06
C LEU C 234 -2.27 27.39 -16.58
N GLY C 235 -1.60 27.79 -15.51
CA GLY C 235 -1.56 29.17 -15.07
C GLY C 235 -0.33 29.90 -15.55
N GLY C 236 0.49 29.26 -16.39
CA GLY C 236 1.69 29.85 -16.93
C GLY C 236 2.88 29.85 -16.01
N ARG C 237 2.80 29.15 -14.86
CA ARG C 237 3.84 29.17 -13.85
C ARG C 237 4.81 28.01 -14.07
N SER C 238 6.10 28.31 -14.03
CA SER C 238 7.15 27.30 -14.19
C SER C 238 6.98 26.18 -13.17
N LEU C 239 7.30 24.95 -13.58
CA LEU C 239 7.26 23.80 -12.67
C LEU C 239 8.21 23.97 -11.50
N ALA C 240 9.16 24.92 -11.57
CA ALA C 240 10.05 25.13 -10.42
C ALA C 240 9.28 25.62 -9.20
N THR C 241 8.21 26.39 -9.39
CA THR C 241 7.44 26.84 -8.23
C THR C 241 6.69 25.69 -7.56
N LEU C 242 6.15 24.76 -8.33
CA LEU C 242 5.55 23.56 -7.74
C LEU C 242 6.57 22.80 -6.90
N GLU C 243 7.76 22.56 -7.45
CA GLU C 243 8.80 21.86 -6.69
C GLU C 243 9.14 22.59 -5.40
N ALA C 244 9.21 23.92 -5.47
CA ALA C 244 9.53 24.67 -4.26
C ALA C 244 8.46 24.49 -3.18
N ARG C 245 7.19 24.58 -3.55
CA ARG C 245 6.15 24.39 -2.54
C ARG C 245 6.02 22.94 -2.09
N SER C 246 6.61 22.01 -2.82
CA SER C 246 6.51 20.59 -2.51
C SER C 246 7.18 20.25 -1.18
N GLN C 247 8.02 21.13 -0.65
CA GLN C 247 8.74 20.74 0.54
C GLN C 247 8.11 21.38 1.80
N LEU C 248 6.95 22.04 1.66
CA LEU C 248 6.30 22.74 2.77
C LEU C 248 5.47 21.75 3.58
N ALA C 249 5.79 21.62 4.86
CA ALA C 249 5.09 20.75 5.78
C ALA C 249 3.86 21.43 6.37
N LEU C 250 2.96 20.60 6.91
CA LEU C 250 1.85 21.07 7.74
C LEU C 250 2.33 21.67 9.04
N PHE C 251 3.26 20.98 9.72
CA PHE C 251 3.72 21.32 11.07
C PHE C 251 5.24 21.51 11.08
N PRO C 252 5.74 22.60 10.47
CA PRO C 252 7.20 22.79 10.41
C PRO C 252 7.88 22.70 11.78
N GLU C 253 7.17 23.09 12.85
CA GLU C 253 7.75 23.06 14.20
C GLU C 253 8.14 21.66 14.63
N LEU C 254 7.42 20.63 14.16
CA LEU C 254 7.78 19.24 14.49
C LEU C 254 9.10 18.86 13.84
N TRP C 255 9.29 19.23 12.57
CA TRP C 255 10.56 18.98 11.91
C TRP C 255 11.67 19.84 12.49
N ARG C 256 11.33 21.03 12.98
CA ARG C 256 12.35 21.82 13.68
C ARG C 256 12.76 21.16 14.99
N ALA C 257 11.81 20.52 15.69
CA ALA C 257 12.21 19.87 16.93
C ALA C 257 13.04 18.63 16.65
N ALA C 258 12.77 17.94 15.54
CA ALA C 258 13.62 16.82 15.13
C ALA C 258 15.07 17.28 14.92
N GLU C 259 15.25 18.37 14.18
CA GLU C 259 16.62 18.84 13.96
C GLU C 259 17.26 19.29 15.28
N ASP C 260 16.44 19.91 16.13
CA ASP C 260 16.88 20.33 17.46
C ASP C 260 17.45 19.16 18.24
N ALA C 261 16.80 18.01 18.16
CA ALA C 261 17.26 16.82 18.86
C ALA C 261 18.60 16.36 18.30
N TYR C 262 18.77 16.47 16.98
CA TYR C 262 20.06 16.11 16.40
C TYR C 262 21.17 16.96 16.99
N TRP C 263 20.95 18.28 17.07
CA TRP C 263 22.01 19.15 17.56
C TRP C 263 22.23 18.95 19.05
N LEU C 264 21.16 18.78 19.83
CA LEU C 264 21.29 18.66 21.28
C LEU C 264 21.84 17.31 21.69
N LEU C 265 21.51 16.25 20.95
CA LEU C 265 21.80 14.91 21.44
C LEU C 265 22.83 14.17 20.62
N GLY C 266 23.03 14.53 19.35
CA GLY C 266 24.08 13.90 18.58
C GLY C 266 25.45 14.33 19.07
N THR C 267 26.37 13.38 19.15
CA THR C 267 27.72 13.64 19.67
C THR C 267 28.80 13.51 18.60
N ARG C 268 28.42 13.67 17.32
CA ARG C 268 29.22 13.31 16.15
C ARG C 268 29.50 14.46 15.22
N HIS C 269 28.83 15.60 15.38
CA HIS C 269 28.85 16.58 14.32
C HIS C 269 30.25 17.18 14.18
N ASP C 270 30.68 17.33 12.93
CA ASP C 270 32.00 17.87 12.57
C ASP C 270 33.15 16.98 13.00
N THR C 271 32.89 15.70 13.31
CA THR C 271 33.94 14.77 13.70
C THR C 271 34.13 13.57 12.76
N ASP C 272 33.26 13.36 11.78
CA ASP C 272 33.40 12.22 10.88
C ASP C 272 33.89 12.66 9.52
N ALA C 273 34.30 11.66 8.74
CA ALA C 273 34.90 11.85 7.41
C ALA C 273 34.87 10.49 6.70
N PRO C 274 35.08 10.48 5.38
CA PRO C 274 35.10 9.18 4.69
C PRO C 274 36.29 8.31 5.07
N MET D 3 -16.43 35.33 -2.80
CA MET D 3 -17.73 34.66 -2.71
C MET D 3 -17.60 33.15 -2.89
N LYS D 4 -18.41 32.39 -2.14
CA LYS D 4 -18.00 31.04 -1.73
C LYS D 4 -19.05 30.42 -0.82
N ARG D 5 -18.87 29.12 -0.56
CA ARG D 5 -19.70 28.34 0.34
C ARG D 5 -18.84 27.79 1.47
N SER D 6 -19.50 27.31 2.53
CA SER D 6 -18.83 26.66 3.64
C SER D 6 -19.61 25.42 4.04
N LEU D 7 -18.90 24.33 4.32
CA LEU D 7 -19.58 23.16 4.84
C LEU D 7 -19.87 23.27 6.33
N ASN D 8 -19.28 24.24 7.01
CA ASN D 8 -19.53 24.47 8.44
C ASN D 8 -19.65 25.97 8.65
N PRO D 9 -20.75 26.57 8.16
CA PRO D 9 -20.80 28.04 8.06
C PRO D 9 -20.89 28.75 9.40
N ASP D 10 -21.44 28.11 10.41
CA ASP D 10 -21.62 28.79 11.68
C ASP D 10 -20.33 28.91 12.47
N GLU D 11 -19.33 28.06 12.16
CA GLU D 11 -18.04 27.96 12.83
C GLU D 11 -17.56 29.32 13.30
N PRO D 12 -17.30 29.51 14.59
CA PRO D 12 -16.69 30.77 15.03
C PRO D 12 -15.41 31.04 14.29
N ASN D 13 -14.36 30.30 14.64
CA ASN D 13 -13.01 30.50 14.08
C ASN D 13 -13.01 30.35 12.56
N ALA D 14 -12.81 31.46 11.86
CA ALA D 14 -12.83 31.44 10.40
C ALA D 14 -11.77 30.53 9.81
N LEU D 15 -10.67 30.28 10.55
CA LEU D 15 -9.62 29.39 10.09
C LEU D 15 -10.03 27.91 10.11
N LEU D 16 -11.13 27.58 10.76
CA LEU D 16 -11.64 26.22 10.78
C LEU D 16 -12.72 26.00 9.74
N SER D 17 -13.03 27.01 8.94
CA SER D 17 -14.10 26.91 7.96
C SER D 17 -13.61 26.17 6.72
N TYR D 18 -14.38 25.18 6.28
CA TYR D 18 -14.10 24.52 4.99
C TYR D 18 -14.80 25.31 3.89
N ASP D 19 -14.06 26.22 3.26
CA ASP D 19 -14.58 27.02 2.17
C ASP D 19 -14.44 26.30 0.83
N PHE D 20 -15.51 26.37 0.02
CA PHE D 20 -15.48 25.75 -1.28
C PHE D 20 -16.41 26.54 -2.20
N ASP D 21 -16.57 26.02 -3.42
CA ASP D 21 -17.39 26.63 -4.46
C ASP D 21 -16.93 28.04 -4.77
N ARG D 22 -15.64 28.19 -5.05
CA ARG D 22 -15.13 29.51 -5.32
C ARG D 22 -15.17 29.87 -6.80
N GLY D 23 -15.76 28.99 -7.64
CA GLY D 23 -15.89 29.25 -9.05
C GLY D 23 -14.62 29.13 -9.85
N SER D 24 -13.57 28.50 -9.30
CA SER D 24 -12.33 28.32 -10.04
C SER D 24 -12.52 27.31 -11.17
N ASN D 25 -11.63 27.40 -12.16
CA ASN D 25 -11.68 26.48 -13.29
C ASN D 25 -11.38 25.05 -12.87
N TYR D 26 -10.42 24.87 -11.95
CA TYR D 26 -10.22 23.57 -11.34
C TYR D 26 -11.53 22.99 -10.85
N GLU D 27 -12.27 23.76 -10.03
CA GLU D 27 -13.56 23.31 -9.52
C GLU D 27 -14.55 23.07 -10.64
N ASN D 28 -14.58 23.95 -11.65
CA ASN D 28 -15.53 23.80 -12.74
C ASN D 28 -15.31 22.51 -13.52
N VAL D 29 -14.04 22.24 -13.88
CA VAL D 29 -13.73 21.04 -14.67
C VAL D 29 -14.17 19.78 -13.94
N LEU D 30 -14.00 19.74 -12.62
CA LEU D 30 -14.20 18.52 -11.86
C LEU D 30 -15.63 18.34 -11.38
N HIS D 31 -16.50 19.36 -11.52
CA HIS D 31 -17.83 19.34 -10.93
C HIS D 31 -17.72 19.15 -9.41
N LEU D 32 -16.71 19.78 -8.80
CA LEU D 32 -16.38 19.48 -7.40
C LEU D 32 -17.49 19.92 -6.46
N THR D 33 -18.11 21.07 -6.74
CA THR D 33 -19.15 21.58 -5.85
C THR D 33 -20.31 20.60 -5.75
N ASP D 34 -20.68 19.97 -6.87
CA ASP D 34 -21.78 19.00 -6.83
C ASP D 34 -21.42 17.77 -6.02
N ALA D 35 -20.18 17.29 -6.15
CA ALA D 35 -19.73 16.13 -5.36
C ALA D 35 -19.68 16.45 -3.87
N LEU D 36 -19.11 17.60 -3.52
CA LEU D 36 -19.10 18.02 -2.12
C LEU D 36 -20.53 18.24 -1.61
N GLY D 37 -21.44 18.63 -2.50
CA GLY D 37 -22.85 18.81 -2.15
C GLY D 37 -23.54 17.54 -1.71
N ALA D 38 -22.94 16.38 -1.95
CA ALA D 38 -23.54 15.13 -1.51
C ALA D 38 -23.20 14.76 -0.08
N LEU D 39 -22.28 15.47 0.58
CA LEU D 39 -21.92 15.13 1.94
C LEU D 39 -23.08 15.48 2.88
N VAL D 40 -23.36 14.61 3.85
CA VAL D 40 -24.39 14.92 4.86
C VAL D 40 -24.09 16.26 5.50
N PRO D 41 -25.04 17.19 5.49
CA PRO D 41 -24.79 18.51 6.08
C PRO D 41 -24.46 18.41 7.57
N GLU D 42 -23.56 19.28 8.01
CA GLU D 42 -23.11 19.19 9.40
C GLU D 42 -24.27 19.44 10.36
N SER D 43 -25.19 20.34 9.99
CA SER D 43 -26.38 20.58 10.81
C SER D 43 -27.25 19.34 10.97
N GLU D 44 -27.02 18.30 10.18
CA GLU D 44 -27.87 17.14 10.19
C GLU D 44 -27.18 15.88 10.68
N THR D 45 -25.87 15.92 10.93
CA THR D 45 -25.20 14.72 11.39
C THR D 45 -25.67 14.37 12.79
N GLU D 46 -25.81 13.07 13.05
CA GLU D 46 -26.26 12.57 14.34
C GLU D 46 -25.14 11.90 15.12
N HIS D 47 -23.95 11.78 14.54
CA HIS D 47 -22.81 11.17 15.21
C HIS D 47 -21.55 11.77 14.59
N PRO D 48 -20.50 12.03 15.38
CA PRO D 48 -19.28 12.61 14.80
C PRO D 48 -18.54 11.68 13.88
N ASP D 49 -18.84 10.40 13.86
CA ASP D 49 -18.20 9.49 12.92
C ASP D 49 -19.04 9.25 11.68
N GLN D 50 -20.23 9.87 11.56
CA GLN D 50 -21.08 9.70 10.39
C GLN D 50 -20.35 10.07 9.10
N ARG D 51 -19.64 11.21 9.09
CA ARG D 51 -18.98 11.67 7.88
C ARG D 51 -17.92 10.68 7.41
N PHE D 52 -17.06 10.21 8.33
CA PHE D 52 -16.09 9.17 7.99
C PHE D 52 -16.76 7.98 7.33
N PHE D 53 -17.83 7.46 7.97
CA PHE D 53 -18.65 6.40 7.39
C PHE D 53 -19.08 6.71 5.95
N GLN D 54 -19.70 7.88 5.75
CA GLN D 54 -20.21 8.21 4.41
C GLN D 54 -19.09 8.28 3.37
N VAL D 55 -18.00 8.98 3.70
CA VAL D 55 -16.96 9.25 2.72
C VAL D 55 -16.30 7.96 2.28
N THR D 56 -16.08 7.03 3.21
CA THR D 56 -15.42 5.78 2.80
C THR D 56 -16.27 5.03 1.78
N HIS D 57 -17.61 5.11 1.89
CA HIS D 57 -18.48 4.49 0.90
C HIS D 57 -18.44 5.26 -0.42
N LEU D 58 -18.51 6.60 -0.37
CA LEU D 58 -18.50 7.39 -1.60
C LEU D 58 -17.20 7.19 -2.37
N ILE D 59 -16.08 7.12 -1.67
CA ILE D 59 -14.82 6.83 -2.33
C ILE D 59 -14.89 5.46 -3.00
N THR D 60 -15.47 4.48 -2.31
CA THR D 60 -15.54 3.14 -2.88
C THR D 60 -16.38 3.16 -4.15
N GLU D 61 -17.53 3.83 -4.11
CA GLU D 61 -18.45 3.81 -5.23
C GLU D 61 -17.86 4.55 -6.42
N TYR D 62 -17.10 5.63 -6.20
CA TYR D 62 -16.40 6.30 -7.28
C TYR D 62 -15.38 5.35 -7.92
N ALA D 63 -14.65 4.58 -7.11
CA ALA D 63 -13.67 3.68 -7.71
C ALA D 63 -14.36 2.59 -8.52
N TRP D 64 -15.50 2.08 -8.03
CA TRP D 64 -16.19 0.99 -8.72
C TRP D 64 -16.88 1.47 -10.01
N VAL D 65 -17.47 2.67 -10.02
CA VAL D 65 -18.01 3.12 -11.30
C VAL D 65 -16.88 3.33 -12.32
N GLN D 66 -15.70 3.73 -11.86
CA GLN D 66 -14.57 3.83 -12.79
C GLN D 66 -14.12 2.45 -13.24
N VAL D 67 -14.14 1.46 -12.34
CA VAL D 67 -13.82 0.09 -12.73
C VAL D 67 -14.75 -0.34 -13.86
N HIS D 68 -16.04 -0.06 -13.70
CA HIS D 68 -17.05 -0.40 -14.71
C HIS D 68 -16.76 0.25 -16.05
N TYR D 69 -16.48 1.56 -16.03
CA TYR D 69 -16.15 2.27 -17.26
C TYR D 69 -14.98 1.65 -17.99
N GLU D 70 -13.92 1.32 -17.27
CA GLU D 70 -12.74 0.77 -17.91
C GLU D 70 -12.96 -0.67 -18.38
N LEU D 71 -13.79 -1.44 -17.67
CA LEU D 71 -14.12 -2.80 -18.14
C LEU D 71 -14.91 -2.76 -19.44
N ARG D 72 -15.80 -1.77 -19.59
CA ARG D 72 -16.51 -1.62 -20.86
C ARG D 72 -15.53 -1.34 -21.98
N ARG D 73 -14.55 -0.47 -21.72
CA ARG D 73 -13.50 -0.25 -22.69
C ARG D 73 -12.72 -1.54 -22.96
N ALA D 74 -12.49 -2.36 -21.94
CA ALA D 74 -11.73 -3.58 -22.21
C ALA D 74 -12.52 -4.54 -23.13
N ILE D 75 -13.86 -4.58 -22.98
CA ILE D 75 -14.66 -5.40 -23.88
C ILE D 75 -14.50 -4.93 -25.32
N GLY D 76 -14.59 -3.61 -25.52
CA GLY D 76 -14.47 -3.07 -26.87
C GLY D 76 -13.11 -3.36 -27.50
N HIS D 77 -12.05 -3.36 -26.69
CA HIS D 77 -10.71 -3.69 -27.17
C HIS D 77 -10.60 -5.17 -27.53
N LEU D 78 -11.08 -6.04 -26.64
CA LEU D 78 -10.95 -7.46 -26.85
C LEU D 78 -11.73 -7.88 -28.10
N ASP D 79 -12.89 -7.28 -28.31
CA ASP D 79 -13.72 -7.63 -29.46
C ASP D 79 -13.03 -7.24 -30.77
N GLU D 80 -12.17 -6.23 -30.76
CA GLU D 80 -11.40 -5.86 -31.93
C GLU D 80 -9.98 -6.41 -31.89
N ASP D 81 -9.70 -7.36 -31.00
CA ASP D 81 -8.38 -7.98 -30.88
C ASP D 81 -7.29 -6.96 -30.54
N ARG D 82 -7.63 -5.89 -29.81
CA ARG D 82 -6.61 -4.94 -29.36
C ARG D 82 -6.15 -5.39 -27.97
N TYR D 83 -5.33 -6.45 -27.96
CA TYR D 83 -4.91 -7.12 -26.74
C TYR D 83 -4.17 -6.16 -25.82
N HIS D 84 -3.19 -5.45 -26.40
CA HIS D 84 -2.37 -4.54 -25.58
C HIS D 84 -3.23 -3.48 -24.92
N GLN D 85 -4.15 -2.89 -25.68
CA GLN D 85 -4.99 -1.88 -25.07
C GLN D 85 -5.89 -2.46 -23.99
N ALA D 86 -6.34 -3.71 -24.15
CA ALA D 86 -7.17 -4.33 -23.10
C ALA D 86 -6.38 -4.52 -21.79
N VAL D 87 -5.11 -4.90 -21.90
CA VAL D 87 -4.26 -5.07 -20.73
C VAL D 87 -4.34 -3.84 -19.84
N ARG D 88 -4.13 -2.66 -20.42
CA ARG D 88 -4.11 -1.41 -19.67
C ARG D 88 -5.42 -1.16 -18.95
N MET D 89 -6.53 -1.60 -19.51
CA MET D 89 -7.81 -1.38 -18.86
C MET D 89 -7.91 -2.22 -17.60
N PHE D 90 -7.53 -3.50 -17.71
CA PHE D 90 -7.52 -4.40 -16.56
C PHE D 90 -6.57 -3.93 -15.45
N ASP D 91 -5.34 -3.50 -15.81
CA ASP D 91 -4.41 -3.05 -14.77
C ASP D 91 -4.95 -1.81 -14.05
N ARG D 92 -5.59 -0.92 -14.78
CA ARG D 92 -6.19 0.27 -14.17
C ARG D 92 -7.33 -0.11 -13.23
N ALA D 93 -8.21 -1.03 -13.67
CA ALA D 93 -9.27 -1.49 -12.80
C ALA D 93 -8.70 -2.08 -11.52
N THR D 94 -7.60 -2.83 -11.64
CA THR D 94 -6.98 -3.41 -10.46
C THR D 94 -6.53 -2.31 -9.50
N GLY D 95 -5.87 -1.26 -10.02
CA GLY D 95 -5.47 -0.17 -9.14
C GLY D 95 -6.64 0.53 -8.49
N LEU D 96 -7.73 0.73 -9.23
CA LEU D 96 -8.96 1.29 -8.68
C LEU D 96 -9.58 0.36 -7.66
N SER D 97 -9.50 -0.96 -7.90
CA SER D 97 -10.00 -1.90 -6.91
C SER D 97 -9.19 -1.82 -5.62
N GLU D 98 -7.86 -1.68 -5.73
CA GLU D 98 -7.03 -1.59 -4.54
C GLU D 98 -7.38 -0.35 -3.72
N VAL D 99 -7.87 0.72 -4.37
CA VAL D 99 -8.39 1.85 -3.61
C VAL D 99 -9.61 1.42 -2.76
N THR D 100 -10.49 0.58 -3.31
CA THR D 100 -11.65 0.15 -2.49
C THR D 100 -11.19 -0.68 -1.29
N VAL D 101 -10.15 -1.51 -1.48
CA VAL D 101 -9.59 -2.25 -0.34
C VAL D 101 -9.12 -1.29 0.74
N GLN D 102 -8.39 -0.24 0.36
CA GLN D 102 -7.92 0.73 1.36
C GLN D 102 -9.09 1.36 2.09
N ALA D 103 -10.16 1.70 1.36
CA ALA D 103 -11.25 2.44 1.95
C ALA D 103 -12.01 1.59 2.96
N VAL D 104 -12.20 0.31 2.68
CA VAL D 104 -12.88 -0.49 3.71
C VAL D 104 -11.93 -0.76 4.88
N ARG D 105 -10.62 -0.88 4.62
CA ARG D 105 -9.72 -1.09 5.74
C ARG D 105 -9.58 0.15 6.61
N LEU D 106 -9.89 1.32 6.08
CA LEU D 106 -10.02 2.51 6.91
C LEU D 106 -11.08 2.30 8.00
N LEU D 107 -12.20 1.68 7.64
CA LEU D 107 -13.22 1.39 8.65
C LEU D 107 -12.72 0.35 9.64
N THR D 108 -12.14 -0.74 9.13
CA THR D 108 -11.58 -1.77 10.02
C THR D 108 -10.67 -1.15 11.05
N ASP D 109 -9.80 -0.24 10.60
CA ASP D 109 -8.73 0.26 11.43
C ASP D 109 -9.19 1.41 12.33
N HIS D 110 -10.18 2.20 11.90
CA HIS D 110 -10.45 3.46 12.61
C HIS D 110 -11.92 3.67 13.00
N LEU D 111 -12.88 2.93 12.46
CA LEU D 111 -14.28 3.12 12.86
C LEU D 111 -14.54 2.40 14.17
N PRO D 112 -14.88 3.10 15.26
CA PRO D 112 -15.16 2.41 16.53
C PRO D 112 -16.41 1.56 16.40
N GLN D 113 -16.31 0.29 16.81
CA GLN D 113 -17.49 -0.57 16.80
C GLN D 113 -18.64 0.08 17.57
N HIS D 114 -18.33 0.75 18.69
CA HIS D 114 -19.43 1.29 19.48
C HIS D 114 -20.14 2.40 18.70
N SER D 115 -19.38 3.19 17.91
CA SER D 115 -20.01 4.19 17.03
C SER D 115 -20.90 3.53 15.99
N LEU D 116 -20.39 2.47 15.37
CA LEU D 116 -21.14 1.81 14.31
C LEU D 116 -22.48 1.32 14.85
N LEU D 117 -22.45 0.64 15.99
CA LEU D 117 -23.68 0.14 16.58
C LEU D 117 -24.65 1.27 16.89
N MET D 118 -24.14 2.39 17.42
CA MET D 118 -25.04 3.51 17.73
C MET D 118 -25.69 4.03 16.45
N MET D 119 -24.88 4.22 15.40
CA MET D 119 -25.40 4.67 14.11
C MET D 119 -26.32 3.62 13.49
N ARG D 120 -25.92 2.34 13.56
CA ARG D 120 -26.71 1.27 12.96
C ARG D 120 -28.10 1.21 13.58
N ASN D 121 -28.19 1.47 14.89
CA ASN D 121 -29.48 1.41 15.58
C ASN D 121 -30.44 2.44 15.03
N ALA D 122 -29.95 3.51 14.39
CA ALA D 122 -30.80 4.57 13.86
C ALA D 122 -30.98 4.52 12.34
N LEU D 123 -30.31 3.61 11.64
CA LEU D 123 -30.36 3.55 10.19
C LEU D 123 -31.64 2.89 9.71
N PRO D 124 -32.07 3.19 8.48
CA PRO D 124 -33.31 2.60 7.97
C PRO D 124 -33.19 1.10 7.83
N GLU D 125 -34.35 0.47 7.71
CA GLU D 125 -34.40 -0.97 7.51
C GLU D 125 -33.93 -1.32 6.10
N ASP D 126 -33.21 -2.44 5.99
CA ASP D 126 -32.71 -2.93 4.70
C ASP D 126 -31.92 -1.87 3.96
N ALA D 127 -31.03 -1.21 4.68
CA ALA D 127 -30.00 -0.38 4.08
C ALA D 127 -28.76 -1.28 4.03
N THR D 128 -28.48 -1.82 2.84
CA THR D 128 -27.52 -2.90 2.63
C THR D 128 -26.75 -2.66 1.34
N GLY D 129 -25.46 -3.04 1.33
CA GLY D 129 -24.62 -2.94 0.15
C GLY D 129 -24.98 -3.91 -0.96
N LEU D 130 -25.89 -4.86 -0.68
CA LEU D 130 -26.51 -5.54 -1.80
C LEU D 130 -27.17 -4.56 -2.76
N ASP D 131 -27.55 -3.36 -2.31
CA ASP D 131 -27.98 -2.31 -3.25
C ASP D 131 -26.89 -1.38 -3.74
N SER D 132 -25.62 -1.69 -3.48
CA SER D 132 -24.54 -0.87 -4.05
C SER D 132 -24.60 -0.90 -5.57
N PRO D 133 -24.75 0.24 -6.23
CA PRO D 133 -24.66 0.23 -7.71
C PRO D 133 -23.31 -0.27 -8.19
N GLY D 134 -22.23 0.10 -7.50
CA GLY D 134 -20.91 -0.42 -7.86
C GLY D 134 -20.87 -1.93 -7.90
N TYR D 135 -21.34 -2.57 -6.83
CA TYR D 135 -21.22 -4.03 -6.78
C TYR D 135 -22.19 -4.69 -7.74
N ARG D 136 -23.40 -4.14 -7.88
CA ARG D 136 -24.41 -4.75 -8.76
C ARG D 136 -23.98 -4.66 -10.23
N ASN D 137 -23.44 -3.53 -10.64
CA ASN D 137 -23.07 -3.38 -12.03
C ASN D 137 -21.78 -4.13 -12.34
N LEU D 138 -20.88 -4.24 -11.35
CA LEU D 138 -19.70 -5.10 -11.49
C LEU D 138 -20.10 -6.55 -11.71
N ARG D 139 -21.04 -7.06 -10.90
CA ARG D 139 -21.48 -8.44 -11.10
CA ARG D 139 -21.49 -8.44 -11.10
C ARG D 139 -22.18 -8.58 -12.44
N ARG D 140 -23.01 -7.59 -12.83
CA ARG D 140 -23.61 -7.57 -14.16
C ARG D 140 -22.56 -7.75 -15.25
N VAL D 141 -21.53 -6.88 -15.26
CA VAL D 141 -20.61 -6.82 -16.39
C VAL D 141 -19.57 -7.93 -16.37
N ALA D 142 -19.45 -8.66 -15.26
CA ALA D 142 -18.38 -9.64 -15.16
C ALA D 142 -18.49 -10.71 -16.25
N ARG D 143 -19.70 -11.19 -16.52
CA ARG D 143 -19.82 -12.18 -17.59
C ARG D 143 -19.53 -11.59 -18.96
N PRO D 144 -20.14 -10.46 -19.38
CA PRO D 144 -19.76 -9.86 -20.67
C PRO D 144 -18.25 -9.73 -20.81
N VAL D 145 -17.55 -9.43 -19.70
CA VAL D 145 -16.11 -9.25 -19.77
C VAL D 145 -15.41 -10.58 -19.99
N TRP D 146 -15.79 -11.61 -19.22
CA TRP D 146 -15.16 -12.90 -19.41
C TRP D 146 -15.42 -13.42 -20.84
N LYS D 147 -16.65 -13.25 -21.31
CA LYS D 147 -17.04 -13.68 -22.66
C LYS D 147 -16.15 -13.06 -23.72
N ALA D 148 -15.92 -11.75 -23.62
CA ALA D 148 -15.05 -11.09 -24.59
C ALA D 148 -13.67 -11.73 -24.61
N TYR D 149 -13.10 -11.98 -23.42
CA TYR D 149 -11.79 -12.64 -23.37
C TYR D 149 -11.85 -14.03 -23.98
N GLU D 150 -12.81 -14.85 -23.54
CA GLU D 150 -12.93 -16.22 -24.04
C GLU D 150 -13.06 -16.24 -25.55
N GLN D 151 -13.97 -15.42 -26.10
CA GLN D 151 -14.15 -15.32 -27.54
C GLN D 151 -12.83 -14.97 -28.24
N ALA D 152 -12.11 -13.96 -27.72
CA ALA D 152 -10.85 -13.59 -28.36
C ALA D 152 -9.87 -14.76 -28.32
N VAL D 153 -9.86 -15.53 -27.23
CA VAL D 153 -8.95 -16.66 -27.17
C VAL D 153 -9.31 -17.68 -28.24
N GLU D 154 -10.61 -17.88 -28.43
CA GLU D 154 -11.05 -18.88 -29.41
C GLU D 154 -10.73 -18.43 -30.82
N ARG D 155 -11.12 -17.19 -31.18
CA ARG D 155 -10.72 -16.63 -32.47
C ARG D 155 -9.24 -16.81 -32.76
N ALA D 156 -8.41 -16.90 -31.73
CA ALA D 156 -6.99 -17.11 -31.92
C ALA D 156 -6.63 -18.59 -32.00
N GLY D 157 -7.58 -19.50 -31.83
CA GLY D 157 -7.30 -20.92 -31.83
C GLY D 157 -6.22 -21.32 -30.85
N LEU D 158 -6.32 -20.81 -29.62
CA LEU D 158 -5.46 -21.24 -28.54
C LEU D 158 -6.29 -21.85 -27.43
N SER D 159 -5.62 -22.63 -26.60
CA SER D 159 -6.19 -23.17 -25.38
C SER D 159 -5.80 -22.31 -24.18
N LEU D 160 -6.73 -22.16 -23.23
CA LEU D 160 -6.43 -21.48 -21.97
C LEU D 160 -5.22 -22.08 -21.29
N GLN D 161 -5.10 -23.42 -21.31
CA GLN D 161 -3.91 -24.06 -20.76
C GLN D 161 -2.63 -23.61 -21.46
N ASP D 162 -2.70 -23.39 -22.78
CA ASP D 162 -1.55 -22.89 -23.53
C ASP D 162 -1.16 -21.48 -23.09
N VAL D 163 -2.16 -20.60 -22.96
CA VAL D 163 -1.92 -19.22 -22.55
C VAL D 163 -1.29 -19.18 -21.14
N ILE D 164 -1.77 -20.04 -20.24
CA ILE D 164 -1.17 -20.13 -18.91
C ILE D 164 0.28 -20.57 -19.01
N ALA D 165 0.55 -21.56 -19.86
CA ALA D 165 1.90 -22.11 -19.93
C ALA D 165 2.90 -21.06 -20.41
N GLN D 166 2.43 -20.09 -21.20
CA GLN D 166 3.32 -19.13 -21.84
C GLN D 166 3.83 -18.07 -20.88
N GLN D 167 3.25 -17.97 -19.68
CA GLN D 167 3.77 -17.05 -18.67
C GLN D 167 5.13 -17.50 -18.15
N ASP D 168 5.44 -18.79 -18.25
CA ASP D 168 6.68 -19.35 -17.73
C ASP D 168 7.78 -19.23 -18.78
N ASP D 169 8.83 -18.45 -18.47
CA ASP D 169 9.97 -18.30 -19.36
C ASP D 169 10.58 -19.65 -19.72
N GLY D 170 10.53 -20.64 -18.82
CA GLY D 170 11.08 -21.95 -19.08
C GLY D 170 10.25 -22.84 -19.98
N TYR D 171 9.09 -22.37 -20.42
CA TYR D 171 8.19 -23.18 -21.21
C TYR D 171 8.63 -23.19 -22.66
N ASP D 172 8.68 -24.38 -23.26
CA ASP D 172 9.27 -24.60 -24.56
C ASP D 172 8.28 -24.58 -25.71
N GLY D 173 6.98 -24.52 -25.43
CA GLY D 173 5.96 -24.68 -26.43
C GLY D 173 5.92 -23.55 -27.44
N PRO D 174 5.12 -23.72 -28.49
CA PRO D 174 5.00 -22.64 -29.49
C PRO D 174 4.44 -21.37 -28.86
N ARG D 175 4.96 -20.24 -29.32
CA ARG D 175 4.50 -18.93 -28.91
C ARG D 175 4.28 -18.06 -30.14
N SER D 176 3.43 -17.06 -29.97
CA SER D 176 3.26 -16.02 -30.99
C SER D 176 3.01 -14.69 -30.29
N GLY D 177 3.09 -13.61 -31.08
CA GLY D 177 2.82 -12.29 -30.52
C GLY D 177 1.43 -12.18 -29.94
N GLY D 178 0.48 -12.88 -30.54
CA GLY D 178 -0.91 -12.82 -30.13
C GLY D 178 -1.18 -13.68 -28.91
N SER D 179 -0.52 -14.82 -28.81
CA SER D 179 -0.76 -15.70 -27.67
C SER D 179 -0.12 -15.13 -26.41
N GLN D 180 1.05 -14.51 -26.54
CA GLN D 180 1.67 -13.88 -25.39
C GLN D 180 0.90 -12.64 -24.96
N SER D 181 0.36 -11.90 -25.91
CA SER D 181 -0.52 -10.78 -25.60
C SER D 181 -1.76 -11.24 -24.84
N LEU D 182 -2.41 -12.29 -25.32
CA LEU D 182 -3.55 -12.83 -24.60
C LEU D 182 -3.15 -13.39 -23.25
N ALA D 183 -1.87 -13.77 -23.09
CA ALA D 183 -1.39 -14.22 -21.80
C ALA D 183 -1.24 -13.06 -20.81
N LEU D 184 -0.74 -11.91 -21.28
CA LEU D 184 -0.71 -10.72 -20.43
C LEU D 184 -2.11 -10.27 -20.04
N VAL D 185 -3.09 -10.48 -20.93
CA VAL D 185 -4.47 -10.13 -20.60
C VAL D 185 -4.99 -11.07 -19.52
N ARG D 186 -4.74 -12.37 -19.67
CA ARG D 186 -5.17 -13.33 -18.64
C ARG D 186 -4.58 -12.97 -17.28
N GLU D 187 -3.27 -12.65 -17.26
CA GLU D 187 -2.61 -12.34 -16.01
C GLU D 187 -3.21 -11.08 -15.38
N ALA D 188 -3.52 -10.07 -16.18
CA ALA D 188 -4.14 -8.85 -15.67
C ALA D 188 -5.56 -9.09 -15.17
N MET D 189 -6.35 -9.92 -15.85
CA MET D 189 -7.68 -10.19 -15.28
C MET D 189 -7.60 -11.06 -14.04
N LEU D 190 -6.60 -11.91 -13.89
CA LEU D 190 -6.48 -12.64 -12.63
C LEU D 190 -6.10 -11.68 -11.50
N ARG D 191 -5.17 -10.76 -11.75
CA ARG D 191 -4.80 -9.78 -10.71
C ARG D 191 -6.03 -8.98 -10.28
N LEU D 192 -6.86 -8.56 -11.23
CA LEU D 192 -8.07 -7.84 -10.88
C LEU D 192 -8.98 -8.68 -9.99
N ASP D 193 -9.18 -9.94 -10.37
CA ASP D 193 -10.12 -10.78 -9.63
C ASP D 193 -9.59 -11.13 -8.23
N GLY D 194 -8.28 -11.34 -8.11
CA GLY D 194 -7.69 -11.53 -6.80
C GLY D 194 -7.80 -10.30 -5.93
N SER D 195 -7.76 -9.11 -6.55
CA SER D 195 -7.94 -7.88 -5.78
C SER D 195 -9.39 -7.73 -5.34
N VAL D 196 -10.34 -8.15 -6.16
CA VAL D 196 -11.74 -8.06 -5.73
C VAL D 196 -12.06 -9.12 -4.69
N LEU D 197 -11.50 -10.32 -4.84
CA LEU D 197 -11.57 -11.31 -3.76
C LEU D 197 -10.95 -10.75 -2.49
N GLY D 198 -9.90 -9.93 -2.64
CA GLY D 198 -9.32 -9.28 -1.48
C GLY D 198 -10.26 -8.28 -0.85
N TRP D 199 -10.99 -7.51 -1.68
CA TRP D 199 -11.97 -6.61 -1.08
C TRP D 199 -12.99 -7.38 -0.27
N LYS D 200 -13.44 -8.53 -0.78
CA LYS D 200 -14.51 -9.27 -0.12
C LYS D 200 -14.03 -9.80 1.22
N GLN D 201 -12.79 -10.30 1.28
CA GLN D 201 -12.29 -10.82 2.54
C GLN D 201 -12.09 -9.71 3.58
N HIS D 202 -11.55 -8.56 3.16
CA HIS D 202 -11.35 -7.45 4.11
C HIS D 202 -12.69 -6.90 4.59
N HIS D 203 -13.68 -6.77 3.70
CA HIS D 203 -15.01 -6.36 4.12
C HIS D 203 -15.58 -7.34 5.15
N LEU D 204 -15.34 -8.63 4.93
CA LEU D 204 -15.76 -9.67 5.89
C LEU D 204 -15.05 -9.51 7.23
N ILE D 205 -13.75 -9.26 7.21
CA ILE D 205 -13.00 -9.11 8.46
C ILE D 205 -13.55 -7.91 9.22
N MET D 206 -13.81 -6.82 8.50
CA MET D 206 -14.40 -5.64 9.11
C MET D 206 -15.75 -5.97 9.75
N VAL D 207 -16.60 -6.72 9.05
CA VAL D 207 -17.91 -7.07 9.62
C VAL D 207 -17.73 -7.84 10.91
N TRP D 208 -16.78 -8.78 10.94
CA TRP D 208 -16.51 -9.59 12.12
C TRP D 208 -16.18 -8.71 13.33
N SER D 209 -15.43 -7.63 13.10
CA SER D 209 -15.02 -6.72 14.16
C SER D 209 -16.12 -5.75 14.56
N GLN D 210 -17.15 -5.59 13.74
CA GLN D 210 -18.21 -4.62 13.98
C GLN D 210 -19.54 -5.24 14.36
N LEU D 211 -19.89 -6.38 13.74
CA LEU D 211 -21.11 -7.11 14.05
C LEU D 211 -20.84 -8.45 14.71
N GLY D 212 -19.61 -8.93 14.69
CA GLY D 212 -19.30 -10.21 15.30
C GLY D 212 -19.33 -11.33 14.28
N GLY D 213 -19.25 -12.55 14.80
CA GLY D 213 -19.38 -13.73 13.95
C GLY D 213 -18.11 -14.29 13.38
N GLN D 214 -16.94 -13.91 13.90
CA GLN D 214 -15.68 -14.49 13.46
C GLN D 214 -15.75 -16.01 13.53
N PRO D 215 -15.55 -16.73 12.42
CA PRO D 215 -15.89 -18.16 12.39
C PRO D 215 -15.00 -19.00 13.28
N GLY D 216 -13.83 -18.50 13.68
CA GLY D 216 -12.93 -19.28 14.51
C GLY D 216 -13.48 -19.60 15.88
N LEU D 217 -14.55 -18.92 16.28
CA LEU D 217 -15.11 -19.04 17.62
C LEU D 217 -16.07 -20.21 17.75
N GLU D 229 -29.00 -17.27 15.93
CA GLU D 229 -27.64 -17.43 16.46
C GLU D 229 -26.67 -16.37 15.93
N LEU D 230 -26.67 -16.17 14.61
CA LEU D 230 -25.68 -15.21 14.11
C LEU D 230 -26.30 -13.82 14.02
N PRO D 231 -25.46 -12.76 14.13
CA PRO D 231 -25.93 -11.39 13.87
C PRO D 231 -26.64 -11.26 12.52
N GLN D 232 -27.34 -10.14 12.34
CA GLN D 232 -28.14 -9.91 11.15
C GLN D 232 -27.85 -8.53 10.60
N SER D 233 -27.81 -8.45 9.27
CA SER D 233 -27.76 -7.17 8.58
C SER D 233 -29.04 -6.38 8.84
N LEU D 234 -28.99 -5.09 8.48
CA LEU D 234 -30.16 -4.22 8.54
C LEU D 234 -31.32 -4.73 7.69
N GLY D 235 -31.11 -5.78 6.91
CA GLY D 235 -32.17 -6.41 6.15
C GLY D 235 -32.64 -7.70 6.78
N GLY D 236 -32.00 -8.13 7.87
CA GLY D 236 -32.43 -9.30 8.60
C GLY D 236 -31.69 -10.60 8.29
N ARG D 237 -30.67 -10.57 7.43
CA ARG D 237 -30.00 -11.79 6.99
C ARG D 237 -28.80 -12.10 7.88
N SER D 238 -28.67 -13.39 8.26
CA SER D 238 -27.49 -13.84 8.99
C SER D 238 -26.22 -13.50 8.22
N LEU D 239 -25.12 -13.32 8.96
CA LEU D 239 -23.82 -13.12 8.34
C LEU D 239 -23.29 -14.38 7.64
N ALA D 240 -24.01 -15.50 7.74
CA ALA D 240 -23.64 -16.69 6.98
C ALA D 240 -23.79 -16.50 5.48
N THR D 241 -24.76 -15.69 5.04
CA THR D 241 -24.90 -15.50 3.61
C THR D 241 -23.84 -14.55 3.07
N LEU D 242 -23.37 -13.62 3.90
CA LEU D 242 -22.29 -12.75 3.48
C LEU D 242 -21.02 -13.56 3.24
N GLU D 243 -20.68 -14.43 4.20
CA GLU D 243 -19.46 -15.21 4.08
C GLU D 243 -19.47 -16.07 2.82
N ALA D 244 -20.63 -16.62 2.47
CA ALA D 244 -20.70 -17.49 1.31
C ALA D 244 -20.51 -16.71 0.02
N ARG D 245 -21.19 -15.57 -0.11
CA ARG D 245 -21.02 -14.73 -1.30
C ARG D 245 -19.60 -14.21 -1.44
N SER D 246 -18.81 -14.26 -0.37
CA SER D 246 -17.49 -13.62 -0.34
C SER D 246 -16.46 -14.40 -1.14
N GLN D 247 -16.70 -15.67 -1.43
CA GLN D 247 -15.74 -16.42 -2.22
C GLN D 247 -16.10 -16.48 -3.71
N LEU D 248 -17.13 -15.75 -4.13
CA LEU D 248 -17.56 -15.72 -5.54
C LEU D 248 -16.65 -14.78 -6.34
N ALA D 249 -15.93 -15.34 -7.30
CA ALA D 249 -15.06 -14.54 -8.16
C ALA D 249 -15.84 -13.86 -9.29
N LEU D 250 -15.15 -12.91 -9.93
CA LEU D 250 -15.69 -12.26 -11.11
C LEU D 250 -15.62 -13.19 -12.33
N PHE D 251 -14.56 -13.99 -12.42
CA PHE D 251 -14.22 -14.81 -13.60
C PHE D 251 -13.94 -16.24 -13.16
N PRO D 252 -14.97 -16.98 -12.74
CA PRO D 252 -14.74 -18.36 -12.23
C PRO D 252 -13.95 -19.23 -13.20
N GLU D 253 -14.09 -19.00 -14.50
CA GLU D 253 -13.40 -19.84 -15.47
C GLU D 253 -11.88 -19.72 -15.39
N LEU D 254 -11.36 -18.57 -14.92
CA LEU D 254 -9.93 -18.47 -14.64
C LEU D 254 -9.50 -19.39 -13.51
N TRP D 255 -10.23 -19.35 -12.42
CA TRP D 255 -9.90 -20.23 -11.31
C TRP D 255 -10.10 -21.69 -11.71
N ARG D 256 -11.11 -21.97 -12.54
CA ARG D 256 -11.26 -23.33 -13.06
C ARG D 256 -10.05 -23.73 -13.88
N ALA D 257 -9.57 -22.83 -14.74
CA ALA D 257 -8.38 -23.12 -15.53
C ALA D 257 -7.17 -23.33 -14.65
N ALA D 258 -7.08 -22.58 -13.54
CA ALA D 258 -5.99 -22.79 -12.61
C ALA D 258 -5.99 -24.21 -12.07
N GLU D 259 -7.15 -24.69 -11.62
CA GLU D 259 -7.19 -26.05 -11.10
C GLU D 259 -6.98 -27.07 -12.22
N ASP D 260 -7.56 -26.83 -13.41
CA ASP D 260 -7.28 -27.69 -14.55
C ASP D 260 -5.78 -27.88 -14.74
N ALA D 261 -5.00 -26.79 -14.63
CA ALA D 261 -3.56 -26.90 -14.82
C ALA D 261 -2.91 -27.70 -13.70
N TYR D 262 -3.41 -27.57 -12.47
CA TYR D 262 -2.87 -28.37 -11.38
C TYR D 262 -2.96 -29.86 -11.68
N TRP D 263 -4.13 -30.30 -12.15
CA TRP D 263 -4.27 -31.72 -12.50
C TRP D 263 -3.46 -32.05 -13.75
N LEU D 264 -3.44 -31.13 -14.72
CA LEU D 264 -2.77 -31.39 -15.99
C LEU D 264 -1.26 -31.45 -15.83
N LEU D 265 -0.67 -30.58 -14.99
CA LEU D 265 0.78 -30.46 -14.91
C LEU D 265 1.42 -31.00 -13.62
N GLY D 266 0.68 -31.10 -12.53
CA GLY D 266 1.26 -31.59 -11.28
C GLY D 266 1.44 -33.10 -11.32
N THR D 267 2.56 -33.57 -10.77
CA THR D 267 2.93 -34.98 -10.87
C THR D 267 3.09 -35.66 -9.51
N ARG D 268 2.33 -35.26 -8.50
CA ARG D 268 2.46 -35.89 -7.19
C ARG D 268 1.14 -35.82 -6.41
N HIS D 269 0.02 -36.14 -7.04
CA HIS D 269 -1.22 -35.91 -6.32
C HIS D 269 -1.57 -37.01 -5.31
N ASP D 270 -0.81 -38.09 -5.22
CA ASP D 270 -1.02 -39.02 -4.11
C ASP D 270 0.32 -39.54 -3.62
N THR D 271 1.28 -38.63 -3.52
CA THR D 271 2.66 -38.94 -3.18
C THR D 271 2.91 -38.73 -1.69
#